data_8OWL
#
_entry.id   8OWL
#
_cell.length_a   71.140
_cell.length_b   71.140
_cell.length_c   587.670
_cell.angle_alpha   90.000
_cell.angle_beta   90.000
_cell.angle_gamma   90.000
#
_symmetry.space_group_name_H-M   'P 41 21 2'
#
loop_
_entity.id
_entity.type
_entity.pdbx_description
1 polymer 'Sarcoplasmic/endoplasmic reticulum calcium ATPase 1'
2 non-polymer 'ACETYL GROUP'
3 non-polymer '[(3S,3aR,4S,6S,6aR,7S,8S,9bS)-6-acetyloxy-3,6,9-trimethyl-8-[(Z)-2-methylbut-2-enoyl]oxy-3,3a-bis(oxidanyl)-2-oxidanylidene-4-[6-[4-[(E)-phenyldiazenyl]phenyl]hexanoyloxy]-4,5,6a,7,8,9b-hexahydroazuleno[4,5-b]furan-7-yl] octanoate'
4 non-polymer 'SODIUM ION'
#
_entity_poly.entity_id   1
_entity_poly.type   'polypeptide(L)'
_entity_poly.pdbx_seq_one_letter_code
;MEAAHSKSTEECLAYFGVSETTGLTPDQVKRHLEKYGHNELPAEEGKSLWELVIEQFEDLLVRILLLAACISFVLAWFEE
GEETITAFVEPFVILLILIANAIVGVWQERNAENAIEALKEYEPEMGKVYRADRKSVQRIKARDIVPGDIVEVAVGDKVP
ADIRILSIKSTTLRVDQSILTGESVSVIKHTEPVPDPRAVNQDKKNMLFSGTNIAAGKALGIVATTGVSTEIGKIRDQMA
ATEQDKTPLQQKLDEFGEQLSKVISLICVAVWLINIGHFNDPVHGGSWIRGAIYYFKIAVALAVAAIPEGLPAVITTCLA
LGTRRMAKKNAIVRSLPSVETLGCTSVICSDKTGTLTTNQMSVCKMFIIDKVDGDFCSLNEFSITGSTYAPEGEVLKNDK
PIRSGQFDGLVELATICALCNDSSLDFNETKGVYEKVGEATETALTTLVEKMNVFNTEVRNLSKVERANACNSVIRQLMK
KEFTLEFSRDRKSMSVYCSPAKSSRAAVGNKMFVKGAPEGVIDRCNYVRVGTTRVPMTGPVKEKILSVIKEWGTGRDTLR
CLALATRDTPPKREEMVLDDSSRFMEYETDLTFVGVVGMLDPPRKEVMGSIQLCRDAGIRVIMITGDNKGTAIAICRRIG
IFGENEEVADRAYTGREFDDLPLAEQREACRRACCFARVEPSHKSKIVEYLQSYDEITAMTGDGVNDAPALKKAEIGIAM
GSGTAVAKTASEMVLADDNFSTIVAAVEEGRAIYNNMKQFIRYLISSNVGEVVCIFLTAALGLPEALIPVQLLWVNLVTD
GLPATALGFNPPDLDIMDRPPRSPKEPLISGWLFFRYMAIGGYVGAATVGAAAWWFMYAEDGPGVTYHQLTHFMQCTEDH
PHFEGLDCEIFEAPEPMTMALSVLVTIEMCNALNSLSENQSLMRMPPWVNIWLLGSICLSMSLHFLILYVDPLPMIFKLK
ALDLTQWLMVLKISLPVIGLDEILKFIARNY
;
_entity_poly.pdbx_strand_id   A
#
loop_
_chem_comp.id
_chem_comp.type
_chem_comp.name
_chem_comp.formula
ACE non-polymer 'ACETYL GROUP' 'C2 H4 O'
NA non-polymer 'SODIUM ION' 'Na 1'
VSR non-polymer '[(3S,3aR,4S,6S,6aR,7S,8S,9bS)-6-acetyloxy-3,6,9-trimethyl-8-[(Z)-2-methylbut-2-enoyl]oxy-3,3a-bis(oxidanyl)-2-oxidanylidene-4-[6-[4-[(E)-phenyldiazenyl]phenyl]hexanoyloxy]-4,5,6a,7,8,9b-hexahydroazuleno[4,5-b]furan-7-yl] octanoate' 'C48 H62 N2 O12'
#
# COMPACT_ATOMS: atom_id res chain seq x y z
N MET A 1 -15.98 23.83 -20.86
CA MET A 1 -16.42 22.77 -21.76
C MET A 1 -16.04 21.39 -21.25
N GLU A 2 -17.06 20.57 -20.99
CA GLU A 2 -16.80 19.22 -20.47
C GLU A 2 -16.17 18.34 -21.54
N ALA A 3 -16.63 18.46 -22.79
CA ALA A 3 -16.12 17.63 -23.87
C ALA A 3 -15.54 18.48 -24.99
N ALA A 4 -14.58 19.34 -24.65
CA ALA A 4 -13.93 20.16 -25.66
C ALA A 4 -13.11 19.35 -26.66
N HIS A 5 -12.75 18.11 -26.29
CA HIS A 5 -12.00 17.26 -27.22
C HIS A 5 -12.82 16.86 -28.43
N SER A 6 -14.13 16.71 -28.26
CA SER A 6 -15.02 16.32 -29.34
C SER A 6 -15.49 17.50 -30.18
N LYS A 7 -15.27 18.73 -29.71
CA LYS A 7 -15.67 19.92 -30.44
C LYS A 7 -14.51 20.41 -31.30
N SER A 8 -14.85 20.98 -32.45
CA SER A 8 -13.84 21.58 -33.31
C SER A 8 -13.29 22.86 -32.67
N THR A 9 -12.16 23.33 -33.21
CA THR A 9 -11.55 24.54 -32.69
C THR A 9 -12.48 25.75 -32.83
N GLU A 10 -13.33 25.75 -33.85
CA GLU A 10 -14.28 26.85 -34.02
C GLU A 10 -15.41 26.76 -33.01
N GLU A 11 -15.86 25.53 -32.70
CA GLU A 11 -16.95 25.36 -31.75
C GLU A 11 -16.53 25.75 -30.33
N CYS A 12 -15.26 25.53 -29.97
CA CYS A 12 -14.80 25.93 -28.65
C CYS A 12 -14.73 27.45 -28.52
N LEU A 13 -14.28 28.14 -29.57
CA LEU A 13 -14.28 29.59 -29.54
C LEU A 13 -15.69 30.15 -29.53
N ALA A 14 -16.62 29.50 -30.23
CA ALA A 14 -18.00 29.98 -30.27
C ALA A 14 -18.71 29.75 -28.94
N TYR A 15 -18.28 28.75 -28.18
CA TYR A 15 -18.92 28.50 -26.89
C TYR A 15 -18.64 29.62 -25.91
N PHE A 16 -17.37 29.98 -25.74
CA PHE A 16 -17.01 31.06 -24.82
C PHE A 16 -17.16 32.44 -25.45
N GLY A 17 -17.18 32.53 -26.77
CA GLY A 17 -17.25 33.82 -27.43
C GLY A 17 -15.97 34.61 -27.32
N VAL A 18 -14.85 33.95 -27.61
CA VAL A 18 -13.52 34.54 -27.51
C VAL A 18 -12.83 34.39 -28.86
N SER A 19 -12.06 35.42 -29.24
CA SER A 19 -11.29 35.38 -30.48
C SER A 19 -9.89 34.85 -30.21
N GLU A 20 -9.38 34.07 -31.17
CA GLU A 20 -8.05 33.48 -31.00
C GLU A 20 -6.95 34.53 -31.03
N THR A 21 -7.17 35.64 -31.74
CA THR A 21 -6.16 36.67 -31.87
C THR A 21 -6.25 37.73 -30.77
N THR A 22 -7.47 38.12 -30.38
CA THR A 22 -7.62 39.15 -29.37
C THR A 22 -7.53 38.58 -27.96
N GLY A 23 -8.36 37.57 -27.67
CA GLY A 23 -8.41 36.99 -26.35
C GLY A 23 -9.60 37.48 -25.56
N LEU A 24 -9.68 37.01 -24.31
CA LEU A 24 -10.77 37.40 -23.43
C LEU A 24 -10.63 38.87 -23.02
N THR A 25 -11.71 39.62 -23.16
CA THR A 25 -11.73 41.00 -22.73
C THR A 25 -11.72 41.08 -21.20
N PRO A 26 -11.32 42.23 -20.64
CA PRO A 26 -11.34 42.35 -19.17
C PRO A 26 -12.71 42.07 -18.55
N ASP A 27 -13.80 42.40 -19.25
CA ASP A 27 -15.12 42.11 -18.72
C ASP A 27 -15.44 40.62 -18.78
N GLN A 28 -14.92 39.91 -19.79
CA GLN A 28 -15.13 38.47 -19.85
C GLN A 28 -14.37 37.76 -18.74
N VAL A 29 -13.15 38.20 -18.44
CA VAL A 29 -12.38 37.60 -17.36
C VAL A 29 -13.07 37.82 -16.01
N LYS A 30 -13.71 38.98 -15.85
CA LYS A 30 -14.45 39.24 -14.61
C LYS A 30 -15.61 38.27 -14.43
N ARG A 31 -16.39 38.06 -15.49
CA ARG A 31 -17.55 37.18 -15.39
C ARG A 31 -17.18 35.71 -15.41
N HIS A 32 -16.14 35.33 -16.16
CA HIS A 32 -15.70 33.94 -16.17
C HIS A 32 -15.08 33.54 -14.84
N LEU A 33 -14.48 34.50 -14.13
CA LEU A 33 -13.88 34.19 -12.84
C LEU A 33 -14.94 33.96 -11.78
N GLU A 34 -16.03 34.75 -11.81
CA GLU A 34 -17.11 34.55 -10.86
C GLU A 34 -17.89 33.26 -11.15
N LYS A 35 -17.89 32.82 -12.40
CA LYS A 35 -18.68 31.64 -12.77
C LYS A 35 -17.93 30.34 -12.46
N TYR A 36 -16.66 30.27 -12.88
CA TYR A 36 -15.90 29.04 -12.75
C TYR A 36 -14.91 29.04 -11.60
N GLY A 37 -14.71 30.19 -10.94
CA GLY A 37 -13.76 30.25 -9.85
C GLY A 37 -12.33 30.42 -10.35
N HIS A 38 -11.40 30.11 -9.45
CA HIS A 38 -9.97 30.23 -9.74
C HIS A 38 -9.39 28.88 -10.12
N ASN A 39 -8.35 28.93 -10.97
CA ASN A 39 -7.69 27.72 -11.48
C ASN A 39 -6.74 27.20 -10.41
N GLU A 40 -7.32 26.50 -9.43
CA GLU A 40 -6.54 25.93 -8.34
C GLU A 40 -7.37 24.89 -7.63
N LEU A 41 -6.70 23.89 -7.06
CA LEU A 41 -7.37 22.89 -6.24
C LEU A 41 -7.62 23.45 -4.84
N PRO A 42 -8.66 22.97 -4.17
CA PRO A 42 -8.94 23.44 -2.81
C PRO A 42 -7.81 23.10 -1.86
N ALA A 43 -7.57 24.00 -0.92
CA ALA A 43 -6.50 23.83 0.03
C ALA A 43 -6.88 22.82 1.11
N GLU A 44 -5.85 22.29 1.77
CA GLU A 44 -6.06 21.33 2.84
C GLU A 44 -6.66 22.02 4.06
N GLU A 45 -7.65 21.36 4.66
CA GLU A 45 -8.26 21.83 5.91
C GLU A 45 -7.46 21.29 7.08
N GLY A 46 -6.26 21.84 7.22
CA GLY A 46 -5.33 21.35 8.24
C GLY A 46 -5.92 21.51 9.63
N LYS A 47 -5.72 20.48 10.45
CA LYS A 47 -6.15 20.54 11.84
C LYS A 47 -5.16 21.37 12.64
N SER A 48 -5.68 22.07 13.65
CA SER A 48 -4.81 22.79 14.57
C SER A 48 -4.19 21.81 15.56
N LEU A 49 -3.06 22.22 16.14
CA LEU A 49 -2.49 21.46 17.24
C LEU A 49 -3.51 21.24 18.35
N TRP A 50 -4.32 22.26 18.64
CA TRP A 50 -5.43 22.11 19.57
C TRP A 50 -6.38 21.01 19.12
N GLU A 51 -6.68 20.95 17.82
CA GLU A 51 -7.58 19.91 17.32
C GLU A 51 -6.99 18.52 17.55
N LEU A 52 -5.70 18.36 17.31
CA LEU A 52 -5.06 17.06 17.56
C LEU A 52 -5.11 16.71 19.04
N VAL A 53 -4.77 17.68 19.90
CA VAL A 53 -4.76 17.42 21.34
C VAL A 53 -6.14 16.96 21.79
N ILE A 54 -7.19 17.66 21.36
CA ILE A 54 -8.55 17.19 21.64
C ILE A 54 -8.73 15.76 21.17
N GLU A 55 -8.28 15.46 19.94
CA GLU A 55 -8.38 14.10 19.42
C GLU A 55 -7.66 13.11 20.32
N GLN A 56 -6.51 13.50 20.88
CA GLN A 56 -5.81 12.62 21.81
C GLN A 56 -6.67 12.31 23.04
N PHE A 57 -7.39 13.32 23.53
CA PHE A 57 -8.24 13.17 24.71
C PHE A 57 -9.68 12.83 24.34
N GLU A 58 -9.91 12.37 23.11
CA GLU A 58 -11.23 11.91 22.73
C GLU A 58 -11.46 10.44 23.09
N ASP A 59 -10.40 9.65 23.15
CA ASP A 59 -10.53 8.24 23.49
C ASP A 59 -11.07 8.09 24.90
N LEU A 60 -12.03 7.16 25.07
CA LEU A 60 -12.65 6.96 26.36
C LEU A 60 -11.64 6.57 27.43
N LEU A 61 -10.72 5.64 27.09
CA LEU A 61 -9.74 5.21 28.07
C LEU A 61 -8.83 6.36 28.49
N VAL A 62 -8.43 7.19 27.53
CA VAL A 62 -7.64 8.38 27.86
C VAL A 62 -8.44 9.30 28.77
N ARG A 63 -9.74 9.47 28.48
CA ARG A 63 -10.59 10.30 29.33
C ARG A 63 -10.65 9.75 30.75
N ILE A 64 -10.75 8.42 30.88
CA ILE A 64 -10.77 7.81 32.21
C ILE A 64 -9.48 8.12 32.95
N LEU A 65 -8.33 7.98 32.28
CA LEU A 65 -7.05 8.30 32.92
C LEU A 65 -6.98 9.75 33.34
N LEU A 66 -7.49 10.66 32.50
CA LEU A 66 -7.50 12.07 32.86
C LEU A 66 -8.36 12.31 34.09
N LEU A 67 -9.54 11.69 34.15
CA LEU A 67 -10.37 11.80 35.34
C LEU A 67 -9.66 11.26 36.57
N ALA A 68 -9.04 10.08 36.46
CA ALA A 68 -8.29 9.52 37.57
C ALA A 68 -7.17 10.46 38.01
N ALA A 69 -6.44 11.04 37.06
CA ALA A 69 -5.39 11.99 37.40
C ALA A 69 -5.94 13.18 38.18
N CYS A 70 -7.09 13.70 37.76
CA CYS A 70 -7.69 14.83 38.48
C CYS A 70 -8.08 14.44 39.90
N ILE A 71 -8.74 13.29 40.07
CA ILE A 71 -9.05 12.80 41.41
C ILE A 71 -7.77 12.68 42.23
N SER A 72 -6.70 12.16 41.62
CA SER A 72 -5.44 12.01 42.34
C SER A 72 -4.86 13.35 42.76
N PHE A 73 -4.93 14.35 41.87
CA PHE A 73 -4.41 15.67 42.22
C PHE A 73 -5.14 16.26 43.42
N VAL A 74 -6.47 16.17 43.42
CA VAL A 74 -7.24 16.64 44.58
C VAL A 74 -6.85 15.86 45.83
N LEU A 75 -6.76 14.53 45.72
CA LEU A 75 -6.41 13.72 46.87
C LEU A 75 -5.01 14.07 47.38
N ALA A 76 -4.07 14.31 46.47
CA ALA A 76 -2.74 14.74 46.90
C ALA A 76 -2.80 16.12 47.54
N TRP A 77 -3.67 16.99 47.04
CA TRP A 77 -3.80 18.33 47.61
C TRP A 77 -4.27 18.27 49.05
N PHE A 78 -5.09 17.26 49.39
CA PHE A 78 -5.65 17.09 50.73
C PHE A 78 -5.24 15.72 51.24
N GLU A 79 -3.97 15.60 51.61
CA GLU A 79 -3.46 14.33 52.15
C GLU A 79 -2.67 14.57 53.43
N THR A 84 3.37 14.75 52.75
CA THR A 84 4.33 13.91 52.05
C THR A 84 4.50 14.36 50.59
N ILE A 85 5.73 14.64 50.21
CA ILE A 85 6.01 15.14 48.87
C ILE A 85 5.67 14.10 47.81
N THR A 86 5.85 12.82 48.13
CA THR A 86 5.53 11.75 47.20
C THR A 86 4.07 11.73 46.78
N ALA A 87 3.20 12.49 47.45
CA ALA A 87 1.77 12.42 47.17
C ALA A 87 1.45 12.84 45.75
N PHE A 88 2.12 13.88 45.25
CA PHE A 88 1.84 14.41 43.92
C PHE A 88 2.61 13.69 42.82
N VAL A 89 3.34 12.62 43.15
CA VAL A 89 4.01 11.83 42.11
C VAL A 89 2.96 11.09 41.29
N GLU A 90 2.02 10.43 41.97
CA GLU A 90 0.95 9.72 41.26
C GLU A 90 0.22 10.58 40.25
N PRO A 91 -0.27 11.79 40.56
CA PRO A 91 -0.91 12.59 39.50
C PRO A 91 0.03 12.92 38.35
N PHE A 92 1.28 13.29 38.67
CA PHE A 92 2.21 13.70 37.63
C PHE A 92 2.52 12.57 36.66
N VAL A 93 2.74 11.36 37.18
CA VAL A 93 3.08 10.23 36.31
C VAL A 93 1.96 9.94 35.33
N ILE A 94 0.73 9.84 35.82
CA ILE A 94 -0.42 9.64 34.94
C ILE A 94 -0.48 10.73 33.88
N LEU A 95 -0.33 11.99 34.29
CA LEU A 95 -0.38 13.10 33.35
C LEU A 95 0.75 13.00 32.32
N LEU A 96 1.95 12.64 32.77
CA LEU A 96 3.07 12.50 31.84
C LEU A 96 2.77 11.48 30.74
N ILE A 97 2.16 10.35 31.11
CA ILE A 97 1.77 9.36 30.12
C ILE A 97 0.86 10.00 29.07
N LEU A 98 -0.19 10.69 29.53
CA LEU A 98 -1.12 11.34 28.62
C LEU A 98 -0.42 12.38 27.75
N ILE A 99 0.41 13.20 28.38
CA ILE A 99 1.12 14.28 27.63
C ILE A 99 1.97 13.62 26.56
N ALA A 100 2.70 12.57 26.92
CA ALA A 100 3.62 11.95 25.94
C ALA A 100 2.82 11.39 24.77
N ASN A 101 1.71 10.72 25.06
CA ASN A 101 0.96 10.09 23.95
C ASN A 101 0.53 11.19 23.01
N ALA A 102 0.09 12.32 23.56
CA ALA A 102 -0.38 13.43 22.72
C ALA A 102 0.77 13.93 21.87
N ILE A 103 1.95 14.06 22.47
CA ILE A 103 3.13 14.57 21.71
C ILE A 103 3.40 13.57 20.60
N VAL A 104 3.31 12.28 20.92
CA VAL A 104 3.58 11.23 19.90
C VAL A 104 2.56 11.40 18.78
N GLY A 105 1.30 11.59 19.14
CA GLY A 105 0.24 11.72 18.13
C GLY A 105 0.50 12.94 17.26
N VAL A 106 0.87 14.04 17.89
CA VAL A 106 1.12 15.30 17.13
C VAL A 106 2.28 15.07 16.17
N TRP A 107 3.33 14.42 16.65
CA TRP A 107 4.53 14.18 15.79
C TRP A 107 4.10 13.31 14.61
N GLN A 108 3.27 12.30 14.88
CA GLN A 108 2.87 11.37 13.80
C GLN A 108 2.14 12.14 12.70
N GLU A 109 1.18 12.99 13.07
CA GLU A 109 0.39 13.73 12.06
C GLU A 109 1.31 14.66 11.28
N ARG A 110 2.24 15.34 11.97
CA ARG A 110 3.13 16.30 11.30
C ARG A 110 3.95 15.55 10.27
N ASN A 111 4.45 14.37 10.62
CA ASN A 111 5.27 13.55 9.70
C ASN A 111 4.38 13.06 8.55
N ALA A 112 3.09 12.84 8.80
CA ALA A 112 2.19 12.25 7.78
C ALA A 112 2.16 13.13 6.53
N GLU A 113 2.03 12.51 5.35
CA GLU A 113 2.00 13.26 4.07
C GLU A 113 0.65 13.06 3.40
N ASN A 114 0.10 14.09 2.76
CA ASN A 114 -1.23 14.00 2.11
C ASN A 114 -1.04 14.01 0.59
N ALA A 115 -1.63 13.03 -0.09
CA ALA A 115 -1.50 12.94 -1.56
C ALA A 115 -2.17 14.15 -2.21
N ILE A 116 -3.31 14.58 -1.69
CA ILE A 116 -4.04 15.70 -2.35
C ILE A 116 -3.10 16.90 -2.36
N GLU A 117 -2.37 17.12 -1.27
CA GLU A 117 -1.39 18.23 -1.23
C GLU A 117 -0.32 17.96 -2.28
N ALA A 118 0.08 16.70 -2.43
CA ALA A 118 1.07 16.34 -3.47
C ALA A 118 0.56 16.83 -4.82
N LEU A 119 -0.71 16.63 -5.11
CA LEU A 119 -1.20 17.02 -6.43
C LEU A 119 -0.88 18.46 -6.75
N LYS A 120 -0.62 19.29 -5.74
CA LYS A 120 -0.32 20.70 -5.95
C LYS A 120 1.07 20.94 -6.49
N GLU A 121 1.97 19.96 -6.41
CA GLU A 121 3.28 20.12 -7.02
C GLU A 121 3.20 20.15 -8.54
N TYR A 122 2.10 19.68 -9.12
CA TYR A 122 1.86 19.74 -10.55
C TYR A 122 1.10 21.00 -10.96
N GLU A 123 0.88 21.92 -10.03
CA GLU A 123 0.24 23.20 -10.34
C GLU A 123 1.32 24.24 -10.59
N PRO A 124 1.51 24.70 -11.82
CA PRO A 124 2.53 25.73 -12.07
C PRO A 124 2.16 27.05 -11.42
N GLU A 125 3.19 27.84 -11.10
CA GLU A 125 2.96 29.14 -10.49
C GLU A 125 2.46 30.16 -11.49
N MET A 126 2.98 30.12 -12.71
CA MET A 126 2.69 31.13 -13.73
C MET A 126 2.07 30.49 -14.97
N GLY A 127 1.55 31.35 -15.84
CA GLY A 127 0.99 30.91 -17.10
C GLY A 127 0.96 32.07 -18.08
N LYS A 128 1.05 31.74 -19.37
CA LYS A 128 1.08 32.73 -20.42
C LYS A 128 -0.27 32.75 -21.14
N VAL A 129 -0.88 33.93 -21.21
CA VAL A 129 -2.20 34.09 -21.82
C VAL A 129 -2.17 35.27 -22.80
N TYR A 130 -3.11 35.25 -23.74
CA TYR A 130 -3.37 36.35 -24.66
C TYR A 130 -4.75 36.91 -24.36
N ARG A 131 -4.81 38.16 -23.94
CA ARG A 131 -6.06 38.82 -23.61
C ARG A 131 -6.19 40.11 -24.39
N ALA A 132 -7.41 40.67 -24.39
CA ALA A 132 -7.71 41.82 -25.23
C ALA A 132 -7.10 43.12 -24.72
N ASP A 133 -6.62 43.16 -23.48
CA ASP A 133 -6.07 44.39 -22.94
C ASP A 133 -4.65 44.67 -23.44
N ARG A 134 -3.93 43.67 -23.92
CA ARG A 134 -2.59 43.84 -24.45
C ARG A 134 -2.45 43.09 -25.76
N LYS A 135 -1.56 43.60 -26.62
CA LYS A 135 -1.32 42.94 -27.91
C LYS A 135 -0.36 41.77 -27.77
N SER A 136 0.62 41.87 -26.86
CA SER A 136 1.61 40.83 -26.66
C SER A 136 1.12 39.83 -25.61
N VAL A 137 1.98 38.86 -25.29
CA VAL A 137 1.63 37.82 -24.33
C VAL A 137 1.80 38.35 -22.92
N GLN A 138 1.02 37.81 -21.99
CA GLN A 138 1.06 38.19 -20.59
C GLN A 138 1.35 36.95 -19.74
N ARG A 139 2.35 37.05 -18.87
CA ARG A 139 2.69 35.96 -17.96
C ARG A 139 2.04 36.27 -16.62
N ILE A 140 0.88 35.66 -16.37
CA ILE A 140 0.11 35.90 -15.18
C ILE A 140 0.18 34.68 -14.27
N LYS A 141 -0.36 34.81 -13.06
CA LYS A 141 -0.45 33.68 -12.15
C LYS A 141 -1.40 32.63 -12.72
N ALA A 142 -0.97 31.37 -12.71
CA ALA A 142 -1.81 30.29 -13.22
C ALA A 142 -3.12 30.17 -12.44
N ARG A 143 -3.16 30.68 -11.22
CA ARG A 143 -4.38 30.66 -10.44
C ARG A 143 -5.46 31.53 -11.05
N ASP A 144 -5.07 32.60 -11.74
CA ASP A 144 -6.01 33.57 -12.29
C ASP A 144 -6.48 33.20 -13.69
N ILE A 145 -6.13 32.02 -14.19
CA ILE A 145 -6.58 31.59 -15.51
C ILE A 145 -8.01 31.06 -15.41
N VAL A 146 -8.85 31.47 -16.36
CA VAL A 146 -10.26 31.10 -16.36
C VAL A 146 -10.53 30.30 -17.63
N PRO A 147 -11.60 29.51 -17.66
CA PRO A 147 -11.99 28.85 -18.90
C PRO A 147 -12.30 29.86 -20.00
N GLY A 148 -11.87 29.54 -21.22
CA GLY A 148 -12.01 30.44 -22.34
C GLY A 148 -10.80 31.30 -22.62
N ASP A 149 -9.75 31.22 -21.79
CA ASP A 149 -8.54 31.99 -22.02
C ASP A 149 -7.76 31.43 -23.21
N ILE A 150 -7.10 32.33 -23.92
CA ILE A 150 -6.17 31.94 -24.98
C ILE A 150 -4.79 31.80 -24.34
N VAL A 151 -4.27 30.58 -24.31
CA VAL A 151 -3.04 30.26 -23.59
C VAL A 151 -1.99 29.77 -24.59
N GLU A 152 -0.76 30.24 -24.41
CA GLU A 152 0.38 29.79 -25.19
C GLU A 152 1.30 28.97 -24.29
N VAL A 153 1.72 27.80 -24.78
CA VAL A 153 2.66 26.94 -24.08
C VAL A 153 3.82 26.61 -25.02
N ALA A 154 4.99 26.39 -24.42
CA ALA A 154 6.19 26.06 -25.19
C ALA A 154 6.97 25.01 -24.40
N VAL A 155 8.19 24.73 -24.88
CA VAL A 155 9.02 23.71 -24.24
C VAL A 155 9.36 24.15 -22.82
N GLY A 156 9.34 23.19 -21.90
CA GLY A 156 9.64 23.44 -20.51
C GLY A 156 8.44 23.90 -19.68
N ASP A 157 7.41 24.44 -20.32
CA ASP A 157 6.25 24.93 -19.59
C ASP A 157 5.44 23.76 -19.04
N LYS A 158 4.95 23.92 -17.81
CA LYS A 158 3.99 22.99 -17.23
C LYS A 158 2.59 23.48 -17.57
N VAL A 159 1.76 22.58 -18.09
CA VAL A 159 0.42 22.94 -18.57
C VAL A 159 -0.43 23.41 -17.39
N PRO A 160 -0.95 24.64 -17.43
CA PRO A 160 -1.65 25.18 -16.26
C PRO A 160 -3.10 24.75 -16.14
N ALA A 161 -3.76 24.38 -17.23
CA ALA A 161 -5.16 23.96 -17.18
C ALA A 161 -5.41 22.96 -18.29
N ASP A 162 -6.61 22.38 -18.28
CA ASP A 162 -7.04 21.52 -19.38
C ASP A 162 -7.33 22.39 -20.60
N ILE A 163 -6.45 22.31 -21.60
CA ILE A 163 -6.45 23.23 -22.73
C ILE A 163 -6.82 22.45 -23.99
N ARG A 164 -7.74 23.02 -24.78
CA ARG A 164 -8.04 22.53 -26.12
C ARG A 164 -7.10 23.21 -27.10
N ILE A 165 -6.29 22.41 -27.80
CA ILE A 165 -5.28 22.97 -28.69
C ILE A 165 -5.94 23.62 -29.89
N LEU A 166 -5.52 24.86 -30.19
CA LEU A 166 -6.05 25.62 -31.32
C LEU A 166 -5.15 25.52 -32.54
N SER A 167 -3.89 25.92 -32.40
CA SER A 167 -2.94 25.88 -33.51
C SER A 167 -1.55 25.58 -32.96
N ILE A 168 -0.84 24.67 -33.62
CA ILE A 168 0.51 24.30 -33.21
C ILE A 168 1.48 25.19 -33.98
N LYS A 169 2.12 26.12 -33.26
CA LYS A 169 2.99 27.10 -33.89
C LYS A 169 4.33 26.51 -34.34
N SER A 170 4.62 25.27 -33.97
CA SER A 170 5.86 24.60 -34.37
C SER A 170 5.54 23.51 -35.39
N THR A 171 6.56 22.72 -35.73
CA THR A 171 6.35 21.60 -36.66
C THR A 171 5.47 20.53 -36.02
N THR A 172 5.88 20.03 -34.86
CA THR A 172 5.10 19.05 -34.10
C THR A 172 5.01 19.53 -32.66
N LEU A 173 4.17 18.84 -31.88
CA LEU A 173 4.01 19.13 -30.46
C LEU A 173 4.02 17.82 -29.69
N ARG A 174 5.01 17.65 -28.83
CA ARG A 174 5.14 16.45 -27.99
C ARG A 174 4.96 16.85 -26.53
N VAL A 175 4.14 16.08 -25.83
CA VAL A 175 3.77 16.37 -24.44
C VAL A 175 4.19 15.19 -23.57
N ASP A 176 4.73 15.49 -22.40
CA ASP A 176 5.08 14.47 -21.41
C ASP A 176 3.91 14.33 -20.46
N GLN A 177 3.06 13.34 -20.70
CA GLN A 177 1.92 13.03 -19.84
C GLN A 177 2.26 11.92 -18.85
N SER A 178 3.47 11.96 -18.28
CA SER A 178 3.93 10.88 -17.42
C SER A 178 3.31 10.93 -16.04
N ILE A 179 2.87 12.10 -15.58
CA ILE A 179 2.27 12.17 -14.24
C ILE A 179 0.97 11.38 -14.20
N LEU A 180 0.29 11.23 -15.34
CA LEU A 180 -0.97 10.50 -15.35
C LEU A 180 -0.75 8.99 -15.36
N THR A 181 0.21 8.51 -16.14
CA THR A 181 0.38 7.08 -16.36
C THR A 181 1.70 6.52 -15.82
N GLY A 182 2.61 7.35 -15.36
CA GLY A 182 3.93 6.90 -14.97
C GLY A 182 4.96 7.14 -16.07
N GLU A 183 6.14 6.59 -15.86
CA GLU A 183 7.25 6.74 -16.80
C GLU A 183 6.84 6.29 -18.20
N SER A 184 6.69 7.25 -19.12
CA SER A 184 6.21 6.95 -20.46
C SER A 184 6.89 7.86 -21.47
N VAL A 185 6.75 7.50 -22.74
CA VAL A 185 7.31 8.30 -23.81
C VAL A 185 6.38 9.47 -24.14
N SER A 186 6.94 10.52 -24.73
CA SER A 186 6.15 11.68 -25.09
C SER A 186 5.10 11.33 -26.15
N VAL A 187 4.00 12.05 -26.12
CA VAL A 187 2.87 11.81 -27.01
C VAL A 187 2.73 12.98 -27.97
N ILE A 188 2.50 12.68 -29.24
CA ILE A 188 2.30 13.71 -30.26
C ILE A 188 0.86 14.19 -30.21
N LYS A 189 0.68 15.50 -30.37
CA LYS A 189 -0.63 16.13 -30.30
C LYS A 189 -1.02 16.73 -31.64
N HIS A 190 -2.32 16.84 -31.87
CA HIS A 190 -2.84 17.46 -33.08
C HIS A 190 -3.96 18.45 -32.73
N THR A 191 -4.68 18.93 -33.74
CA THR A 191 -5.74 19.90 -33.52
C THR A 191 -7.12 19.44 -34.00
N GLU A 192 -7.20 18.38 -34.80
CA GLU A 192 -8.49 17.91 -35.27
C GLU A 192 -9.29 17.29 -34.12
N PRO A 193 -10.62 17.39 -34.15
CA PRO A 193 -11.42 16.88 -33.04
C PRO A 193 -11.44 15.37 -33.00
N VAL A 194 -11.73 14.85 -31.80
CA VAL A 194 -11.86 13.42 -31.55
C VAL A 194 -13.35 13.09 -31.53
N PRO A 195 -13.83 12.18 -32.38
CA PRO A 195 -15.29 11.98 -32.48
C PRO A 195 -15.95 11.48 -31.21
N ASP A 196 -15.31 10.56 -30.50
CA ASP A 196 -15.95 9.92 -29.35
C ASP A 196 -16.05 10.89 -28.18
N PRO A 197 -17.26 11.20 -27.69
CA PRO A 197 -17.35 12.05 -26.51
C PRO A 197 -16.91 11.34 -25.23
N ARG A 198 -17.18 10.05 -25.12
CA ARG A 198 -16.78 9.25 -23.97
C ARG A 198 -15.37 8.70 -24.11
N ALA A 199 -14.51 9.35 -24.88
CA ALA A 199 -13.15 8.87 -25.11
C ALA A 199 -12.28 9.10 -23.88
N VAL A 200 -11.30 8.21 -23.72
CA VAL A 200 -10.37 8.29 -22.59
C VAL A 200 -9.32 9.34 -22.87
N ASN A 201 -8.53 9.68 -21.85
CA ASN A 201 -7.53 10.74 -21.99
C ASN A 201 -6.42 10.36 -22.95
N GLN A 202 -6.09 9.07 -23.06
CA GLN A 202 -5.03 8.65 -23.96
C GLN A 202 -5.37 8.93 -25.41
N ASP A 203 -6.66 9.00 -25.74
CA ASP A 203 -7.11 9.21 -27.11
C ASP A 203 -7.48 10.66 -27.39
N LYS A 204 -7.41 11.53 -26.39
CA LYS A 204 -7.67 12.97 -26.58
C LYS A 204 -6.40 13.61 -27.14
N LYS A 205 -6.19 13.43 -28.44
CA LYS A 205 -4.97 13.90 -29.09
C LYS A 205 -4.93 15.42 -29.27
N ASN A 206 -6.02 16.13 -28.97
CA ASN A 206 -6.09 17.57 -29.13
C ASN A 206 -6.19 18.31 -27.81
N MET A 207 -5.87 17.65 -26.69
CA MET A 207 -6.03 18.20 -25.36
C MET A 207 -4.70 18.24 -24.62
N LEU A 208 -4.49 19.33 -23.88
CA LEU A 208 -3.36 19.47 -22.97
C LEU A 208 -3.90 19.39 -21.55
N PHE A 209 -3.42 18.43 -20.78
CA PHE A 209 -3.92 18.21 -19.42
C PHE A 209 -3.07 18.99 -18.42
N SER A 210 -3.74 19.58 -17.44
CA SER A 210 -3.06 20.36 -16.42
C SER A 210 -2.08 19.49 -15.64
N GLY A 211 -0.88 20.01 -15.43
CA GLY A 211 0.17 19.31 -14.71
C GLY A 211 1.18 18.62 -15.60
N THR A 212 0.84 18.36 -16.85
CA THR A 212 1.77 17.73 -17.77
C THR A 212 2.79 18.75 -18.28
N ASN A 213 3.85 18.24 -18.90
CA ASN A 213 4.95 19.06 -19.38
C ASN A 213 5.04 18.96 -20.90
N ILE A 214 5.34 20.09 -21.54
CA ILE A 214 5.51 20.14 -22.99
C ILE A 214 6.92 19.66 -23.31
N ALA A 215 7.02 18.46 -23.90
CA ALA A 215 8.33 17.90 -24.20
C ALA A 215 9.03 18.69 -25.30
N ALA A 216 8.30 19.01 -26.37
CA ALA A 216 8.89 19.73 -27.49
C ALA A 216 7.77 20.41 -28.27
N GLY A 217 8.08 21.59 -28.79
CA GLY A 217 7.15 22.32 -29.63
C GLY A 217 6.56 23.53 -28.92
N LYS A 218 5.60 24.16 -29.61
CA LYS A 218 4.92 25.34 -29.09
C LYS A 218 3.58 25.44 -29.78
N ALA A 219 2.51 25.59 -29.00
CA ALA A 219 1.16 25.63 -29.56
C ALA A 219 0.33 26.66 -28.79
N LEU A 220 -0.72 27.12 -29.46
CA LEU A 220 -1.71 28.01 -28.87
C LEU A 220 -2.99 27.23 -28.64
N GLY A 221 -3.66 27.51 -27.51
CA GLY A 221 -4.85 26.77 -27.17
C GLY A 221 -5.84 27.61 -26.39
N ILE A 222 -7.01 27.01 -26.16
CA ILE A 222 -8.09 27.64 -25.39
C ILE A 222 -8.37 26.78 -24.18
N VAL A 223 -8.54 27.43 -23.03
CA VAL A 223 -8.74 26.70 -21.78
C VAL A 223 -10.14 26.11 -21.75
N ALA A 224 -10.22 24.80 -21.52
CA ALA A 224 -11.49 24.10 -21.44
C ALA A 224 -12.04 24.14 -20.01
N THR A 225 -11.27 23.63 -19.05
CA THR A 225 -11.70 23.56 -17.66
C THR A 225 -10.54 23.97 -16.75
N THR A 226 -10.89 24.44 -15.55
CA THR A 226 -9.92 24.81 -14.53
C THR A 226 -10.34 24.23 -13.19
N GLY A 227 -9.41 24.29 -12.23
CA GLY A 227 -9.72 23.87 -10.88
C GLY A 227 -10.00 22.38 -10.78
N VAL A 228 -11.04 22.04 -10.01
CA VAL A 228 -11.43 20.64 -9.84
C VAL A 228 -12.06 20.04 -11.08
N SER A 229 -12.36 20.85 -12.10
CA SER A 229 -12.95 20.35 -13.33
C SER A 229 -11.93 19.76 -14.28
N THR A 230 -10.64 19.98 -14.05
CA THR A 230 -9.61 19.38 -14.87
C THR A 230 -9.52 17.88 -14.58
N GLU A 231 -8.78 17.17 -15.43
CA GLU A 231 -8.61 15.73 -15.25
C GLU A 231 -7.86 15.42 -13.96
N ILE A 232 -6.85 16.25 -13.63
CA ILE A 232 -6.17 16.08 -12.36
C ILE A 232 -7.03 16.59 -11.21
N GLY A 233 -8.02 17.42 -11.50
CA GLY A 233 -8.93 17.92 -10.48
C GLY A 233 -10.01 16.91 -10.15
N LYS A 234 -10.45 16.16 -11.16
CA LYS A 234 -11.42 15.10 -10.93
C LYS A 234 -10.81 14.00 -10.05
N ILE A 235 -9.52 13.74 -10.23
CA ILE A 235 -8.85 12.73 -9.42
C ILE A 235 -8.75 13.18 -7.96
N ARG A 236 -8.57 14.49 -7.74
CA ARG A 236 -8.53 15.00 -6.37
C ARG A 236 -9.88 14.79 -5.69
N ASP A 237 -10.98 15.05 -6.40
CA ASP A 237 -12.30 14.89 -5.79
C ASP A 237 -12.60 13.44 -5.48
N GLN A 238 -12.06 12.50 -6.27
CA GLN A 238 -12.23 11.09 -5.94
C GLN A 238 -11.44 10.73 -4.67
N MET A 239 -10.25 11.31 -4.50
CA MET A 239 -9.45 11.04 -3.32
C MET A 239 -10.02 11.69 -2.07
N ALA A 240 -10.61 12.89 -2.22
CA ALA A 240 -11.25 13.54 -1.08
C ALA A 240 -12.42 12.71 -0.57
N ALA A 241 -13.21 12.13 -1.47
CA ALA A 241 -14.39 11.37 -1.05
C ALA A 241 -14.00 10.08 -0.34
N THR A 242 -12.92 9.44 -0.80
CA THR A 242 -12.47 8.18 -0.22
C THR A 242 -12.24 8.34 1.29
N GLU A 243 -12.89 7.49 2.06
CA GLU A 243 -12.78 7.47 3.51
C GLU A 243 -11.93 6.29 3.94
N GLN A 244 -10.96 6.55 4.80
CA GLN A 244 -10.04 5.53 5.29
C GLN A 244 -10.66 4.82 6.49
N ASP A 245 -11.01 3.56 6.31
CA ASP A 245 -11.53 2.76 7.41
C ASP A 245 -10.43 2.48 8.42
N LYS A 246 -10.82 2.38 9.68
CA LYS A 246 -9.87 2.04 10.74
C LYS A 246 -9.40 0.60 10.59
N THR A 247 -8.12 0.38 10.92
CA THR A 247 -7.58 -0.96 10.91
C THR A 247 -8.34 -1.81 11.93
N PRO A 248 -8.41 -3.13 11.71
CA PRO A 248 -9.18 -3.98 12.63
C PRO A 248 -8.77 -3.81 14.09
N LEU A 249 -7.47 -3.72 14.35
CA LEU A 249 -7.02 -3.54 15.74
C LEU A 249 -7.48 -2.21 16.31
N GLN A 250 -7.45 -1.14 15.50
CA GLN A 250 -7.96 0.15 15.95
C GLN A 250 -9.43 0.05 16.33
N GLN A 251 -10.23 -0.65 15.53
CA GLN A 251 -11.64 -0.84 15.88
C GLN A 251 -11.77 -1.63 17.18
N LYS A 252 -10.88 -2.61 17.39
CA LYS A 252 -10.94 -3.40 18.63
C LYS A 252 -10.65 -2.53 19.85
N LEU A 253 -9.73 -1.57 19.72
CA LEU A 253 -9.51 -0.64 20.81
C LEU A 253 -10.76 0.17 21.12
N ASP A 254 -11.45 0.64 20.07
CA ASP A 254 -12.73 1.31 20.29
C ASP A 254 -13.71 0.39 20.99
N GLU A 255 -13.71 -0.89 20.63
CA GLU A 255 -14.59 -1.85 21.31
C GLU A 255 -14.14 -2.07 22.75
N PHE A 256 -12.86 -2.43 22.94
CA PHE A 256 -12.33 -2.65 24.28
C PHE A 256 -12.54 -1.45 25.19
N GLY A 257 -12.53 -0.23 24.63
CA GLY A 257 -12.73 0.94 25.45
C GLY A 257 -14.14 1.07 25.98
N GLU A 258 -15.13 0.90 25.09
CA GLU A 258 -16.53 1.08 25.50
C GLU A 258 -17.00 -0.07 26.39
N GLN A 259 -16.48 -1.27 26.19
CA GLN A 259 -16.83 -2.38 27.06
C GLN A 259 -16.15 -2.27 28.42
N LEU A 260 -14.93 -1.74 28.46
CA LEU A 260 -14.26 -1.52 29.74
C LEU A 260 -14.96 -0.44 30.55
N SER A 261 -15.57 0.55 29.88
CA SER A 261 -16.31 1.57 30.60
C SER A 261 -17.53 0.98 31.30
N LYS A 262 -18.15 -0.04 30.72
CA LYS A 262 -19.30 -0.67 31.36
C LYS A 262 -18.88 -1.49 32.58
N VAL A 263 -17.74 -2.19 32.48
CA VAL A 263 -17.28 -3.01 33.60
C VAL A 263 -16.87 -2.13 34.78
N ILE A 264 -16.16 -1.04 34.50
CA ILE A 264 -15.74 -0.14 35.57
C ILE A 264 -16.95 0.45 36.29
N SER A 265 -17.96 0.86 35.53
CA SER A 265 -19.16 1.41 36.16
C SER A 265 -19.94 0.34 36.92
N LEU A 266 -19.99 -0.88 36.38
CA LEU A 266 -20.69 -1.95 37.08
C LEU A 266 -19.95 -2.39 38.34
N ILE A 267 -18.62 -2.24 38.37
CA ILE A 267 -17.87 -2.54 39.58
C ILE A 267 -18.17 -1.50 40.65
N CYS A 268 -18.27 -0.23 40.26
CA CYS A 268 -18.62 0.81 41.22
C CYS A 268 -20.00 0.57 41.81
N VAL A 269 -20.94 0.04 41.02
CA VAL A 269 -22.24 -0.32 41.55
C VAL A 269 -22.14 -1.57 42.41
N ALA A 270 -21.27 -2.51 42.02
CA ALA A 270 -21.12 -3.75 42.78
C ALA A 270 -20.51 -3.47 44.16
N VAL A 271 -19.48 -2.63 44.22
CA VAL A 271 -18.88 -2.30 45.51
C VAL A 271 -19.88 -1.57 46.40
N TRP A 272 -20.69 -0.69 45.80
CA TRP A 272 -21.71 0.01 46.57
C TRP A 272 -22.78 -0.94 47.09
N LEU A 273 -23.18 -1.93 46.28
CA LEU A 273 -24.18 -2.89 46.72
C LEU A 273 -23.63 -3.82 47.78
N ILE A 274 -22.36 -4.22 47.65
CA ILE A 274 -21.76 -5.10 48.66
C ILE A 274 -21.61 -4.37 49.98
N ASN A 275 -21.11 -3.12 49.94
CA ASN A 275 -20.98 -2.29 51.13
C ASN A 275 -22.23 -1.48 51.42
N ILE A 276 -23.42 -2.03 51.13
CA ILE A 276 -24.66 -1.34 51.41
C ILE A 276 -24.98 -1.29 52.90
N GLY A 277 -24.29 -2.10 53.71
CA GLY A 277 -24.50 -2.10 55.15
C GLY A 277 -24.13 -0.78 55.82
N HIS A 278 -23.41 0.10 55.14
CA HIS A 278 -23.08 1.41 55.70
C HIS A 278 -24.29 2.32 55.84
N PHE A 279 -25.43 1.96 55.25
CA PHE A 279 -26.65 2.73 55.48
C PHE A 279 -27.20 2.49 56.87
N ASN A 280 -26.96 1.31 57.45
CA ASN A 280 -27.30 1.02 58.82
C ASN A 280 -26.21 1.44 59.79
N ASP A 281 -25.14 2.06 59.31
CA ASP A 281 -24.05 2.55 60.14
C ASP A 281 -24.47 3.83 60.86
N PRO A 282 -24.05 4.01 62.10
CA PRO A 282 -24.40 5.23 62.82
C PRO A 282 -23.91 6.48 62.10
N VAL A 283 -24.56 7.60 62.42
CA VAL A 283 -24.35 8.82 61.67
C VAL A 283 -23.16 9.59 62.24
N HIS A 284 -23.08 9.69 63.56
CA HIS A 284 -21.94 10.36 64.20
C HIS A 284 -20.67 9.55 63.99
N GLY A 285 -19.68 10.17 63.36
CA GLY A 285 -18.42 9.51 63.09
C GLY A 285 -17.59 10.24 62.06
N GLY A 286 -16.28 10.33 62.30
CA GLY A 286 -15.36 11.00 61.40
C GLY A 286 -14.86 10.15 60.25
N SER A 287 -15.32 8.91 60.13
CA SER A 287 -14.86 8.02 59.07
C SER A 287 -15.55 8.29 57.74
N TRP A 288 -16.36 9.33 57.63
CA TRP A 288 -17.02 9.59 56.36
C TRP A 288 -16.14 10.42 55.44
N ILE A 289 -15.36 11.35 56.00
CA ILE A 289 -14.36 12.03 55.19
C ILE A 289 -13.27 11.06 54.78
N ARG A 290 -12.98 10.05 55.62
CA ARG A 290 -12.05 9.01 55.23
C ARG A 290 -12.69 8.02 54.27
N GLY A 291 -14.01 7.81 54.36
CA GLY A 291 -14.67 6.88 53.47
C GLY A 291 -14.70 7.38 52.03
N ALA A 292 -15.07 8.64 51.84
CA ALA A 292 -15.10 9.22 50.50
C ALA A 292 -13.70 9.23 49.88
N ILE A 293 -12.68 9.52 50.70
CA ILE A 293 -11.31 9.46 50.21
C ILE A 293 -10.91 8.03 49.89
N TYR A 294 -11.38 7.07 50.70
CA TYR A 294 -11.04 5.67 50.48
C TYR A 294 -11.56 5.19 49.12
N TYR A 295 -12.83 5.46 48.82
CA TYR A 295 -13.41 5.03 47.55
C TYR A 295 -12.91 5.84 46.38
N PHE A 296 -12.45 7.08 46.61
CA PHE A 296 -11.93 7.89 45.52
C PHE A 296 -10.55 7.42 45.09
N LYS A 297 -9.67 7.10 46.05
CA LYS A 297 -8.35 6.59 45.71
C LYS A 297 -8.39 5.14 45.25
N ILE A 298 -9.50 4.43 45.51
CA ILE A 298 -9.70 3.13 44.89
C ILE A 298 -10.19 3.30 43.46
N ALA A 299 -11.04 4.31 43.22
CA ALA A 299 -11.47 4.61 41.86
C ALA A 299 -10.28 4.96 40.97
N VAL A 300 -9.32 5.72 41.51
CA VAL A 300 -8.10 6.01 40.76
C VAL A 300 -7.32 4.74 40.49
N ALA A 301 -7.26 3.85 41.49
CA ALA A 301 -6.56 2.59 41.32
C ALA A 301 -7.31 1.67 40.37
N LEU A 302 -8.64 1.70 40.41
CA LEU A 302 -9.43 0.87 39.52
C LEU A 302 -9.22 1.25 38.06
N ALA A 303 -9.02 2.54 37.78
CA ALA A 303 -8.79 2.97 36.41
C ALA A 303 -7.40 2.57 35.92
N VAL A 304 -6.38 2.73 36.77
CA VAL A 304 -5.03 2.37 36.39
C VAL A 304 -4.91 0.86 36.19
N ALA A 305 -5.58 0.08 37.03
CA ALA A 305 -5.48 -1.37 36.93
C ALA A 305 -6.22 -1.93 35.72
N ALA A 306 -7.20 -1.21 35.18
CA ALA A 306 -7.98 -1.71 34.06
C ALA A 306 -7.38 -1.36 32.71
N ILE A 307 -6.71 -0.23 32.60
CA ILE A 307 -6.19 0.27 31.32
C ILE A 307 -4.76 -0.21 31.11
N PRO A 308 -4.44 -0.83 29.97
CA PRO A 308 -3.04 -1.19 29.69
C PRO A 308 -2.24 0.00 29.22
N GLU A 309 -1.57 0.69 30.15
CA GLU A 309 -0.86 1.92 29.80
C GLU A 309 0.35 1.64 28.91
N GLY A 310 1.00 0.50 29.07
CA GLY A 310 2.16 0.17 28.27
C GLY A 310 1.89 -0.49 26.94
N LEU A 311 0.65 -0.89 26.68
CA LEU A 311 0.34 -1.60 25.45
C LEU A 311 0.60 -0.78 24.18
N PRO A 312 0.22 0.50 24.09
CA PRO A 312 0.54 1.25 22.85
C PRO A 312 2.04 1.41 22.63
N ALA A 313 2.83 1.54 23.70
CA ALA A 313 4.27 1.62 23.52
C ALA A 313 4.83 0.31 22.98
N VAL A 314 4.28 -0.82 23.42
CA VAL A 314 4.76 -2.11 22.94
C VAL A 314 4.26 -2.37 21.53
N ILE A 315 3.06 -1.89 21.19
CA ILE A 315 2.54 -2.09 19.84
C ILE A 315 3.31 -1.26 18.84
N THR A 316 3.45 0.05 19.08
CA THR A 316 4.11 0.92 18.14
C THR A 316 5.60 0.65 18.01
N THR A 317 6.20 -0.06 18.97
CA THR A 317 7.60 -0.43 18.86
C THR A 317 7.80 -1.75 18.14
N CYS A 318 6.78 -2.61 18.09
CA CYS A 318 6.87 -3.84 17.32
C CYS A 318 6.63 -3.58 15.84
N LEU A 319 5.69 -2.67 15.53
CA LEU A 319 5.45 -2.29 14.15
C LEU A 319 6.62 -1.50 13.58
N ALA A 320 7.26 -0.67 14.41
CA ALA A 320 8.40 0.11 13.93
C ALA A 320 9.59 -0.78 13.64
N LEU A 321 9.79 -1.83 14.42
CA LEU A 321 10.87 -2.77 14.14
C LEU A 321 10.56 -3.64 12.94
N GLY A 322 9.28 -4.01 12.77
CA GLY A 322 8.89 -4.76 11.59
C GLY A 322 9.04 -3.97 10.30
N THR A 323 8.84 -2.65 10.37
CA THR A 323 9.04 -1.82 9.19
C THR A 323 10.51 -1.80 8.78
N ARG A 324 11.42 -1.68 9.74
CA ARG A 324 12.84 -1.77 9.43
C ARG A 324 13.18 -3.14 8.85
N ARG A 325 12.52 -4.20 9.33
CA ARG A 325 12.79 -5.54 8.83
C ARG A 325 12.26 -5.71 7.41
N MET A 326 11.09 -5.14 7.11
CA MET A 326 10.56 -5.21 5.76
C MET A 326 11.37 -4.36 4.79
N ALA A 327 11.99 -3.29 5.27
CA ALA A 327 12.78 -2.42 4.39
C ALA A 327 13.96 -3.18 3.80
N LYS A 328 14.55 -4.10 4.55
CA LYS A 328 15.62 -4.94 3.99
C LYS A 328 15.09 -5.90 2.95
N LYS A 329 13.79 -6.21 2.97
CA LYS A 329 13.15 -7.01 1.94
C LYS A 329 12.47 -6.14 0.89
N ASN A 330 12.94 -4.91 0.71
CA ASN A 330 12.47 -3.99 -0.32
C ASN A 330 11.00 -3.61 -0.17
N ALA A 331 10.44 -3.76 1.03
CA ALA A 331 9.06 -3.40 1.30
C ALA A 331 9.06 -2.17 2.21
N ILE A 332 8.71 -1.02 1.65
CA ILE A 332 8.71 0.25 2.36
C ILE A 332 7.27 0.53 2.78
N VAL A 333 6.92 0.15 4.00
CA VAL A 333 5.60 0.42 4.56
C VAL A 333 5.61 1.80 5.18
N ARG A 334 4.62 2.62 4.82
CA ARG A 334 4.58 4.01 5.24
C ARG A 334 3.81 4.20 6.55
N SER A 335 2.64 3.58 6.66
CA SER A 335 1.79 3.69 7.84
C SER A 335 1.97 2.47 8.74
N LEU A 336 2.28 2.72 10.01
CA LEU A 336 2.44 1.61 10.95
C LEU A 336 1.16 0.82 11.19
N PRO A 337 -0.01 1.44 11.39
CA PRO A 337 -1.23 0.62 11.59
C PRO A 337 -1.58 -0.25 10.40
N SER A 338 -1.08 0.07 9.20
CA SER A 338 -1.40 -0.70 8.01
C SER A 338 -0.65 -2.03 7.95
N VAL A 339 0.30 -2.27 8.86
CA VAL A 339 1.01 -3.54 8.86
C VAL A 339 0.07 -4.67 9.28
N GLU A 340 -0.93 -4.37 10.11
CA GLU A 340 -1.91 -5.40 10.48
C GLU A 340 -2.77 -5.78 9.28
N THR A 341 -3.26 -4.79 8.54
CA THR A 341 -4.04 -5.08 7.34
C THR A 341 -3.20 -5.76 6.27
N LEU A 342 -1.88 -5.68 6.37
CA LEU A 342 -1.02 -6.32 5.38
C LEU A 342 -1.05 -7.84 5.52
N GLY A 343 -1.08 -8.34 6.75
CA GLY A 343 -1.21 -9.77 6.96
C GLY A 343 -2.59 -10.32 6.69
N CYS A 344 -3.58 -9.46 6.47
CA CYS A 344 -4.95 -9.86 6.24
C CYS A 344 -5.36 -9.80 4.77
N THR A 345 -4.41 -9.52 3.87
CA THR A 345 -4.75 -9.38 2.45
C THR A 345 -5.39 -10.65 1.92
N SER A 346 -6.55 -10.49 1.30
CA SER A 346 -7.29 -11.61 0.71
C SER A 346 -7.18 -11.67 -0.80
N VAL A 347 -7.13 -10.52 -1.47
CA VAL A 347 -6.99 -10.44 -2.91
C VAL A 347 -5.87 -9.45 -3.24
N ILE A 348 -5.01 -9.82 -4.18
CA ILE A 348 -3.91 -8.98 -4.64
C ILE A 348 -4.12 -8.70 -6.12
N CYS A 349 -4.36 -7.44 -6.47
CA CYS A 349 -4.47 -7.00 -7.86
C CYS A 349 -3.17 -6.33 -8.25
N SER A 350 -2.44 -6.95 -9.18
CA SER A 350 -1.10 -6.51 -9.56
C SER A 350 -1.04 -6.22 -11.05
N ASP A 351 -0.28 -5.19 -11.41
CA ASP A 351 0.04 -4.95 -12.81
C ASP A 351 1.08 -5.97 -13.28
N LYS A 352 1.20 -6.10 -14.60
CA LYS A 352 2.07 -7.12 -15.19
C LYS A 352 3.44 -6.57 -15.58
N THR A 353 3.47 -5.57 -16.46
CA THR A 353 4.72 -5.18 -17.10
C THR A 353 5.77 -4.74 -16.07
N GLY A 354 5.35 -3.97 -15.07
CA GLY A 354 6.30 -3.49 -14.08
C GLY A 354 6.64 -4.50 -13.01
N THR A 355 5.64 -5.20 -12.50
CA THR A 355 5.79 -6.07 -11.34
C THR A 355 5.91 -7.54 -11.70
N LEU A 356 4.95 -8.07 -12.48
CA LEU A 356 4.98 -9.50 -12.78
C LEU A 356 6.09 -9.87 -13.75
N THR A 357 6.43 -8.97 -14.66
CA THR A 357 7.48 -9.20 -15.64
C THR A 357 8.59 -8.17 -15.47
N THR A 358 9.72 -8.42 -16.13
CA THR A 358 10.90 -7.59 -16.00
C THR A 358 10.86 -6.34 -16.88
N ASN A 359 9.90 -6.24 -17.80
CA ASN A 359 9.78 -5.11 -18.71
C ASN A 359 11.05 -4.93 -19.55
N GLN A 360 11.71 -6.03 -19.89
CA GLN A 360 12.88 -6.02 -20.76
C GLN A 360 12.55 -6.90 -21.98
N MET A 361 12.06 -6.26 -23.04
CA MET A 361 11.63 -6.98 -24.22
C MET A 361 12.83 -7.58 -24.96
N SER A 362 12.55 -8.62 -25.73
CA SER A 362 13.56 -9.25 -26.57
C SER A 362 12.85 -10.10 -27.62
N VAL A 363 13.21 -9.91 -28.88
CA VAL A 363 12.62 -10.70 -29.96
C VAL A 363 13.11 -12.14 -29.87
N CYS A 364 12.18 -13.07 -29.84
CA CYS A 364 12.50 -14.50 -29.76
C CYS A 364 12.18 -15.26 -31.03
N LYS A 365 11.10 -14.92 -31.71
CA LYS A 365 10.68 -15.61 -32.92
C LYS A 365 10.29 -14.60 -33.99
N MET A 366 10.34 -15.06 -35.24
CA MET A 366 9.96 -14.26 -36.40
C MET A 366 9.81 -15.20 -37.58
N PHE A 367 8.86 -14.88 -38.46
CA PHE A 367 8.67 -15.67 -39.67
C PHE A 367 8.39 -14.75 -40.85
N ILE A 368 8.90 -15.15 -42.02
CA ILE A 368 8.64 -14.49 -43.28
C ILE A 368 8.04 -15.51 -44.23
N ILE A 369 7.35 -15.01 -45.25
CA ILE A 369 6.69 -15.89 -46.21
C ILE A 369 7.74 -16.51 -47.12
N ASP A 370 7.76 -17.85 -47.16
CA ASP A 370 8.77 -18.57 -47.93
C ASP A 370 8.31 -18.85 -49.36
N LYS A 371 7.07 -19.32 -49.52
CA LYS A 371 6.57 -19.66 -50.85
C LYS A 371 5.05 -19.66 -50.83
N VAL A 372 4.45 -19.11 -51.88
CA VAL A 372 3.01 -19.13 -52.08
C VAL A 372 2.75 -19.68 -53.48
N ASP A 373 1.94 -20.74 -53.56
CA ASP A 373 1.65 -21.38 -54.84
C ASP A 373 0.22 -21.95 -54.76
N GLY A 374 -0.75 -21.10 -55.08
CA GLY A 374 -2.15 -21.48 -55.01
C GLY A 374 -2.62 -21.76 -53.59
N ASP A 375 -2.95 -23.02 -53.32
CA ASP A 375 -3.36 -23.42 -51.98
C ASP A 375 -2.20 -23.83 -51.10
N PHE A 376 -1.05 -24.16 -51.69
CA PHE A 376 0.12 -24.50 -50.91
C PHE A 376 0.79 -23.24 -50.36
N CYS A 377 1.43 -23.39 -49.21
CA CYS A 377 2.08 -22.26 -48.56
C CYS A 377 3.11 -22.78 -47.56
N SER A 378 4.18 -22.01 -47.40
CA SER A 378 5.21 -22.35 -46.42
C SER A 378 5.83 -21.05 -45.91
N LEU A 379 6.25 -21.07 -44.65
CA LEU A 379 6.85 -19.93 -43.99
C LEU A 379 8.29 -20.22 -43.63
N ASN A 380 9.01 -19.18 -43.22
CA ASN A 380 10.40 -19.29 -42.76
C ASN A 380 10.45 -18.76 -41.33
N GLU A 381 10.15 -19.63 -40.38
CA GLU A 381 10.19 -19.25 -38.98
C GLU A 381 11.63 -19.28 -38.46
N PHE A 382 11.96 -18.31 -37.62
CA PHE A 382 13.30 -18.20 -37.08
C PHE A 382 13.24 -18.03 -35.56
N SER A 383 14.38 -18.23 -34.92
CA SER A 383 14.51 -18.09 -33.48
C SER A 383 15.72 -17.24 -33.16
N ILE A 384 15.57 -16.32 -32.20
CA ILE A 384 16.60 -15.37 -31.82
C ILE A 384 17.03 -15.64 -30.40
N THR A 385 18.33 -15.78 -30.17
CA THR A 385 18.87 -15.96 -28.84
C THR A 385 19.28 -14.63 -28.24
N GLY A 386 19.36 -14.59 -26.91
CA GLY A 386 19.69 -13.36 -26.20
C GLY A 386 18.46 -12.66 -25.68
N SER A 387 18.35 -12.55 -24.36
CA SER A 387 17.18 -11.96 -23.72
C SER A 387 17.37 -10.50 -23.32
N THR A 388 18.58 -9.97 -23.44
CA THR A 388 18.88 -8.60 -23.06
C THR A 388 18.90 -7.69 -24.29
N TYR A 389 19.05 -6.39 -24.02
CA TYR A 389 19.19 -5.40 -25.09
C TYR A 389 20.57 -5.40 -25.72
N ALA A 390 21.48 -6.25 -25.26
CA ALA A 390 22.81 -6.29 -25.83
C ALA A 390 22.76 -6.86 -27.25
N PRO A 391 23.58 -6.36 -28.17
CA PRO A 391 23.58 -6.88 -29.54
C PRO A 391 24.27 -8.23 -29.67
N GLU A 392 24.43 -8.93 -28.54
CA GLU A 392 25.08 -10.24 -28.52
C GLU A 392 24.00 -11.30 -28.62
N GLY A 393 23.80 -11.83 -29.82
CA GLY A 393 22.80 -12.85 -30.05
C GLY A 393 23.13 -13.69 -31.25
N GLU A 394 22.15 -14.48 -31.68
CA GLU A 394 22.33 -15.38 -32.81
C GLU A 394 20.97 -15.73 -33.39
N VAL A 395 20.88 -15.71 -34.72
CA VAL A 395 19.65 -16.06 -35.42
C VAL A 395 19.69 -17.54 -35.77
N LEU A 396 18.60 -18.25 -35.49
CA LEU A 396 18.55 -19.69 -35.67
C LEU A 396 17.30 -20.08 -36.46
N LYS A 397 17.43 -21.13 -37.27
CA LYS A 397 16.31 -21.79 -37.90
C LYS A 397 16.46 -23.29 -37.67
N ASN A 398 15.49 -23.88 -36.98
CA ASN A 398 15.57 -25.28 -36.55
C ASN A 398 16.80 -25.52 -35.68
N ASP A 399 17.11 -24.55 -34.82
CA ASP A 399 18.26 -24.60 -33.92
C ASP A 399 19.56 -24.79 -34.72
N LYS A 400 19.77 -23.90 -35.70
CA LYS A 400 20.93 -23.95 -36.56
C LYS A 400 21.37 -22.52 -36.87
N PRO A 401 22.62 -22.16 -36.61
CA PRO A 401 23.09 -20.81 -36.93
C PRO A 401 23.00 -20.53 -38.42
N ILE A 402 22.46 -19.35 -38.76
CA ILE A 402 22.26 -18.93 -40.14
C ILE A 402 22.73 -17.49 -40.31
N ARG A 403 23.02 -17.14 -41.55
CA ARG A 403 23.36 -15.77 -41.92
C ARG A 403 22.11 -15.10 -42.46
N SER A 404 21.65 -14.07 -41.76
CA SER A 404 20.35 -13.47 -42.08
C SER A 404 20.31 -12.86 -43.47
N GLY A 405 21.46 -12.45 -44.02
CA GLY A 405 21.48 -11.84 -45.34
C GLY A 405 21.13 -12.78 -46.47
N GLN A 406 21.23 -14.09 -46.25
CA GLN A 406 20.92 -15.06 -47.29
C GLN A 406 19.43 -15.14 -47.59
N PHE A 407 18.59 -14.62 -46.69
CA PHE A 407 17.14 -14.57 -46.91
C PHE A 407 16.74 -13.14 -47.26
N ASP A 408 16.14 -12.97 -48.44
CA ASP A 408 15.74 -11.63 -48.87
C ASP A 408 14.59 -11.09 -48.03
N GLY A 409 13.70 -11.97 -47.55
CA GLY A 409 12.62 -11.50 -46.69
C GLY A 409 13.11 -10.94 -45.38
N LEU A 410 14.24 -11.42 -44.87
CA LEU A 410 14.82 -10.90 -43.64
C LEU A 410 15.49 -9.54 -43.86
N VAL A 411 15.97 -9.27 -45.08
CA VAL A 411 16.56 -7.97 -45.35
C VAL A 411 15.51 -6.88 -45.26
N GLU A 412 14.36 -7.08 -45.91
CA GLU A 412 13.27 -6.11 -45.80
C GLU A 412 12.67 -6.10 -44.39
N LEU A 413 12.76 -7.22 -43.68
CA LEU A 413 12.27 -7.27 -42.30
C LEU A 413 13.12 -6.40 -41.38
N ALA A 414 14.44 -6.42 -41.57
CA ALA A 414 15.32 -5.65 -40.70
C ALA A 414 15.22 -4.16 -40.97
N THR A 415 15.03 -3.77 -42.24
CA THR A 415 14.92 -2.35 -42.57
C THR A 415 13.66 -1.74 -41.95
N ILE A 416 12.60 -2.52 -41.79
CA ILE A 416 11.40 -2.02 -41.15
C ILE A 416 11.66 -1.80 -39.66
N CYS A 417 12.31 -2.76 -39.01
CA CYS A 417 12.61 -2.65 -37.59
C CYS A 417 13.60 -1.54 -37.29
N ALA A 418 14.44 -1.17 -38.25
CA ALA A 418 15.43 -0.12 -38.04
C ALA A 418 14.90 1.27 -38.37
N LEU A 419 13.98 1.38 -39.34
CA LEU A 419 13.47 2.67 -39.76
C LEU A 419 12.17 3.02 -39.05
N CYS A 420 11.22 2.09 -39.01
CA CYS A 420 9.96 2.29 -38.31
C CYS A 420 10.17 2.10 -36.80
N ASN A 421 11.00 2.97 -36.23
CA ASN A 421 11.45 2.83 -34.85
C ASN A 421 11.94 4.17 -34.37
N ASP A 422 11.43 4.61 -33.22
CA ASP A 422 11.84 5.87 -32.61
C ASP A 422 12.81 5.68 -31.45
N SER A 423 13.24 4.45 -31.19
CA SER A 423 14.13 4.14 -30.08
C SER A 423 15.53 3.81 -30.60
N SER A 424 16.45 3.60 -29.66
CA SER A 424 17.83 3.31 -29.99
C SER A 424 18.48 2.62 -28.79
N LEU A 425 19.76 2.27 -28.95
CA LEU A 425 20.55 1.64 -27.91
C LEU A 425 21.66 2.57 -27.45
N ASP A 426 22.23 2.25 -26.30
CA ASP A 426 23.32 3.04 -25.74
C ASP A 426 24.06 2.18 -24.72
N PHE A 427 25.39 2.30 -24.71
CA PHE A 427 26.24 1.57 -23.79
C PHE A 427 26.68 2.47 -22.66
N ASN A 428 26.61 1.95 -21.43
CA ASN A 428 26.99 2.68 -20.23
C ASN A 428 28.22 2.03 -19.62
N GLU A 429 29.27 2.82 -19.41
CA GLU A 429 30.51 2.29 -18.86
C GLU A 429 30.44 2.10 -17.34
N THR A 430 29.67 2.95 -16.66
CA THR A 430 29.54 2.82 -15.20
C THR A 430 28.84 1.54 -14.79
N LYS A 431 28.13 0.88 -15.71
CA LYS A 431 27.46 -0.38 -15.41
C LYS A 431 27.85 -1.51 -16.35
N GLY A 432 28.49 -1.23 -17.48
CA GLY A 432 28.90 -2.28 -18.40
C GLY A 432 27.77 -3.01 -19.08
N VAL A 433 26.56 -2.43 -19.09
CA VAL A 433 25.39 -3.06 -19.66
C VAL A 433 24.77 -2.10 -20.68
N TYR A 434 24.40 -2.63 -21.84
CA TYR A 434 23.67 -1.84 -22.83
C TYR A 434 22.31 -1.44 -22.27
N GLU A 435 21.99 -0.16 -22.37
CA GLU A 435 20.76 0.38 -21.80
C GLU A 435 19.76 0.72 -22.89
N LYS A 436 18.53 0.97 -22.46
CA LYS A 436 17.41 1.24 -23.35
C LYS A 436 17.19 2.73 -23.50
N VAL A 437 16.96 3.17 -24.74
CA VAL A 437 16.68 4.57 -25.05
C VAL A 437 15.35 4.59 -25.80
N GLY A 438 14.25 4.72 -25.04
CA GLY A 438 12.92 4.82 -25.62
C GLY A 438 12.04 3.67 -25.18
N GLU A 439 11.07 3.34 -26.04
CA GLU A 439 10.14 2.25 -25.75
C GLU A 439 10.87 0.92 -25.66
N ALA A 440 10.35 0.03 -24.81
CA ALA A 440 10.96 -1.28 -24.65
C ALA A 440 10.70 -2.17 -25.86
N THR A 441 9.48 -2.11 -26.41
CA THR A 441 9.17 -2.93 -27.59
C THR A 441 9.92 -2.44 -28.82
N GLU A 442 10.20 -1.14 -28.90
CA GLU A 442 10.98 -0.62 -30.02
C GLU A 442 12.47 -0.87 -29.84
N THR A 443 12.96 -0.83 -28.60
CA THR A 443 14.36 -1.13 -28.36
C THR A 443 14.68 -2.59 -28.66
N ALA A 444 13.71 -3.49 -28.49
CA ALA A 444 13.92 -4.88 -28.86
C ALA A 444 14.13 -5.04 -30.36
N LEU A 445 13.52 -4.17 -31.16
CA LEU A 445 13.70 -4.23 -32.61
C LEU A 445 15.09 -3.77 -33.01
N THR A 446 15.59 -2.70 -32.38
CA THR A 446 16.95 -2.24 -32.67
C THR A 446 17.97 -3.30 -32.25
N THR A 447 17.73 -3.97 -31.13
CA THR A 447 18.60 -5.08 -30.73
C THR A 447 18.47 -6.25 -31.70
N LEU A 448 17.29 -6.43 -32.29
CA LEU A 448 17.08 -7.56 -33.19
C LEU A 448 17.89 -7.42 -34.47
N VAL A 449 17.85 -6.24 -35.09
CA VAL A 449 18.58 -6.04 -36.34
C VAL A 449 20.08 -6.02 -36.12
N GLU A 450 20.53 -5.73 -34.89
CA GLU A 450 21.95 -5.86 -34.60
C GLU A 450 22.38 -7.33 -34.56
N LYS A 451 21.52 -8.19 -34.03
CA LYS A 451 21.82 -9.63 -34.03
C LYS A 451 21.71 -10.22 -35.44
N MET A 452 20.83 -9.66 -36.28
CA MET A 452 20.67 -10.18 -37.63
C MET A 452 21.92 -9.92 -38.46
N ASN A 453 22.32 -8.65 -38.58
CA ASN A 453 23.42 -8.24 -39.44
C ASN A 453 23.18 -8.69 -40.88
N VAL A 454 22.06 -8.20 -41.44
CA VAL A 454 21.58 -8.68 -42.73
C VAL A 454 22.50 -8.25 -43.87
N PHE A 455 23.29 -7.20 -43.69
CA PHE A 455 24.21 -6.75 -44.72
C PHE A 455 25.62 -7.30 -44.52
N ASN A 456 25.79 -8.25 -43.60
CA ASN A 456 27.07 -8.91 -43.37
C ASN A 456 28.17 -7.90 -43.03
N THR A 457 27.80 -6.85 -42.31
CA THR A 457 28.77 -5.83 -41.91
C THR A 457 29.74 -6.41 -40.89
N GLU A 458 30.94 -5.82 -40.85
CA GLU A 458 32.00 -6.28 -39.96
C GLU A 458 31.90 -5.49 -38.65
N VAL A 459 31.48 -6.17 -37.58
CA VAL A 459 31.30 -5.55 -36.28
C VAL A 459 32.20 -6.17 -35.22
N ARG A 460 33.06 -7.11 -35.59
CA ARG A 460 33.91 -7.78 -34.61
C ARG A 460 34.91 -6.82 -33.98
N ASN A 461 35.49 -5.93 -34.79
CA ASN A 461 36.46 -4.95 -34.31
C ASN A 461 35.82 -3.68 -33.79
N LEU A 462 34.50 -3.54 -33.90
CA LEU A 462 33.82 -2.34 -33.43
C LEU A 462 33.77 -2.30 -31.91
N SER A 463 33.88 -1.10 -31.35
CA SER A 463 33.77 -0.92 -29.91
C SER A 463 32.36 -1.24 -29.45
N LYS A 464 32.22 -1.51 -28.14
CA LYS A 464 30.91 -1.83 -27.59
C LYS A 464 29.92 -0.68 -27.79
N VAL A 465 30.38 0.56 -27.63
CA VAL A 465 29.52 1.71 -27.88
C VAL A 465 29.12 1.77 -29.35
N GLU A 466 30.09 1.58 -30.25
CA GLU A 466 29.79 1.53 -31.68
C GLU A 466 28.93 0.32 -32.04
N ARG A 467 29.14 -0.80 -31.34
CA ARG A 467 28.39 -2.01 -31.64
C ARG A 467 26.90 -1.84 -31.35
N ALA A 468 26.55 -0.95 -30.43
CA ALA A 468 25.15 -0.82 -30.01
C ALA A 468 24.27 -0.37 -31.17
N ASN A 469 24.68 0.68 -31.88
CA ASN A 469 23.93 1.22 -33.02
C ASN A 469 24.84 1.24 -34.24
N ALA A 470 25.14 0.05 -34.77
CA ALA A 470 25.99 -0.10 -35.95
C ALA A 470 25.19 -0.61 -37.15
N CYS A 471 24.59 -1.78 -37.05
CA CYS A 471 23.79 -2.31 -38.15
C CYS A 471 22.58 -1.43 -38.42
N ASN A 472 22.02 -0.82 -37.38
CA ASN A 472 20.94 0.14 -37.58
C ASN A 472 21.40 1.31 -38.44
N SER A 473 22.53 1.91 -38.07
CA SER A 473 23.02 3.09 -38.79
C SER A 473 23.24 2.80 -40.27
N VAL A 474 23.71 1.59 -40.60
CA VAL A 474 23.90 1.21 -41.98
C VAL A 474 22.59 1.28 -42.75
N ILE A 475 21.52 0.71 -42.16
CA ILE A 475 20.21 0.76 -42.79
C ILE A 475 19.72 2.20 -42.86
N ARG A 476 20.04 3.01 -41.86
CA ARG A 476 19.64 4.41 -41.85
C ARG A 476 20.28 5.18 -43.00
N GLN A 477 21.48 4.78 -43.42
CA GLN A 477 22.13 5.46 -44.54
C GLN A 477 21.44 5.15 -45.87
N LEU A 478 20.81 3.98 -45.98
CA LEU A 478 20.24 3.55 -47.26
C LEU A 478 18.98 4.35 -47.61
N MET A 479 18.12 4.61 -46.63
CA MET A 479 16.86 5.29 -46.86
C MET A 479 16.79 6.56 -46.02
N LYS A 480 15.94 7.49 -46.45
CA LYS A 480 15.79 8.79 -45.80
C LYS A 480 14.41 8.86 -45.15
N LYS A 481 14.37 9.07 -43.84
CA LYS A 481 13.13 9.14 -43.07
C LYS A 481 12.50 10.51 -43.29
N GLU A 482 11.54 10.59 -44.22
CA GLU A 482 10.91 11.86 -44.53
C GLU A 482 10.00 12.34 -43.41
N PHE A 483 9.00 11.53 -43.06
CA PHE A 483 8.12 11.85 -41.94
C PHE A 483 7.63 10.55 -41.31
N THR A 484 7.01 10.68 -40.14
CA THR A 484 6.57 9.54 -39.35
C THR A 484 5.12 9.72 -38.96
N LEU A 485 4.28 8.72 -39.28
CA LEU A 485 2.90 8.69 -38.81
C LEU A 485 2.88 7.97 -37.47
N GLU A 486 2.65 8.73 -36.40
CA GLU A 486 2.79 8.18 -35.05
C GLU A 486 1.70 7.15 -34.76
N PHE A 487 1.97 6.33 -33.73
CA PHE A 487 1.05 5.29 -33.33
C PHE A 487 -0.24 5.89 -32.78
N SER A 488 -1.36 5.23 -33.09
CA SER A 488 -2.66 5.59 -32.55
C SER A 488 -3.45 4.31 -32.29
N ARG A 489 -4.23 4.31 -31.21
CA ARG A 489 -4.92 3.10 -30.78
C ARG A 489 -6.13 2.77 -31.64
N ASP A 490 -6.56 3.68 -32.53
CA ASP A 490 -7.69 3.36 -33.39
C ASP A 490 -7.29 2.40 -34.50
N ARG A 491 -6.09 2.57 -35.06
CA ARG A 491 -5.58 1.65 -36.07
C ARG A 491 -4.50 0.72 -35.52
N LYS A 492 -3.95 1.01 -34.35
CA LYS A 492 -2.98 0.14 -33.68
C LYS A 492 -1.78 -0.16 -34.58
N SER A 493 -1.21 0.89 -35.17
CA SER A 493 -0.04 0.74 -36.00
C SER A 493 0.61 2.11 -36.19
N MET A 494 1.88 2.08 -36.60
CA MET A 494 2.60 3.28 -36.99
C MET A 494 3.38 2.99 -38.27
N SER A 495 3.69 4.06 -39.00
CA SER A 495 4.41 3.92 -40.26
C SER A 495 5.35 5.10 -40.44
N VAL A 496 6.35 4.90 -41.29
CA VAL A 496 7.32 5.93 -41.63
C VAL A 496 7.42 6.02 -43.15
N TYR A 497 7.68 7.23 -43.64
CA TYR A 497 7.81 7.49 -45.07
C TYR A 497 9.30 7.64 -45.40
N CYS A 498 9.78 6.85 -46.34
CA CYS A 498 11.20 6.80 -46.63
C CYS A 498 11.46 6.93 -48.13
N SER A 499 12.62 7.48 -48.45
CA SER A 499 13.11 7.66 -49.81
C SER A 499 14.56 7.24 -49.89
N PRO A 500 15.00 6.70 -51.04
CA PRO A 500 16.39 6.24 -51.15
C PRO A 500 17.38 7.39 -51.24
N ALA A 501 18.64 7.07 -51.54
CA ALA A 501 19.69 8.08 -51.66
C ALA A 501 20.14 8.23 -53.10
N VAL A 508 14.53 4.07 -57.84
CA VAL A 508 13.40 3.41 -57.19
C VAL A 508 12.56 4.44 -56.46
N GLY A 509 11.23 4.27 -56.51
CA GLY A 509 10.32 5.18 -55.85
C GLY A 509 10.37 5.08 -54.35
N ASN A 510 9.56 5.92 -53.71
CA ASN A 510 9.52 5.96 -52.25
C ASN A 510 8.78 4.75 -51.69
N LYS A 511 8.97 4.51 -50.39
CA LYS A 511 8.35 3.39 -49.71
C LYS A 511 7.80 3.84 -48.37
N MET A 512 6.93 3.02 -47.80
CA MET A 512 6.39 3.22 -46.46
C MET A 512 6.50 1.91 -45.69
N PHE A 513 7.09 1.98 -44.50
CA PHE A 513 7.28 0.81 -43.64
C PHE A 513 6.33 0.91 -42.47
N VAL A 514 5.48 -0.12 -42.31
CA VAL A 514 4.41 -0.11 -41.32
C VAL A 514 4.66 -1.23 -40.31
N LYS A 515 4.34 -0.96 -39.05
CA LYS A 515 4.36 -1.96 -38.00
C LYS A 515 3.19 -1.71 -37.05
N GLY A 516 2.66 -2.78 -36.47
CA GLY A 516 1.55 -2.64 -35.54
C GLY A 516 0.97 -3.99 -35.19
N ALA A 517 -0.24 -3.95 -34.63
CA ALA A 517 -0.93 -5.17 -34.23
C ALA A 517 -1.21 -6.03 -35.45
N PRO A 518 -1.17 -7.36 -35.31
CA PRO A 518 -1.31 -8.24 -36.48
C PRO A 518 -2.66 -8.11 -37.19
N GLU A 519 -3.77 -8.07 -36.43
CA GLU A 519 -5.08 -8.07 -37.06
C GLU A 519 -5.29 -6.82 -37.92
N GLY A 520 -4.91 -5.65 -37.41
CA GLY A 520 -5.14 -4.43 -38.16
C GLY A 520 -4.24 -4.30 -39.37
N VAL A 521 -2.97 -4.71 -39.23
CA VAL A 521 -2.01 -4.55 -40.32
C VAL A 521 -2.28 -5.56 -41.43
N ILE A 522 -2.58 -6.81 -41.06
CA ILE A 522 -2.81 -7.84 -42.08
C ILE A 522 -4.09 -7.56 -42.85
N ASP A 523 -5.12 -7.03 -42.17
CA ASP A 523 -6.35 -6.66 -42.87
C ASP A 523 -6.11 -5.59 -43.93
N ARG A 524 -5.05 -4.81 -43.81
CA ARG A 524 -4.72 -3.76 -44.77
C ARG A 524 -3.68 -4.21 -45.78
N CYS A 525 -3.34 -5.50 -45.83
CA CYS A 525 -2.38 -6.03 -46.78
C CYS A 525 -3.12 -6.72 -47.92
N ASN A 526 -2.86 -6.26 -49.14
CA ASN A 526 -3.40 -6.89 -50.33
C ASN A 526 -2.40 -7.79 -51.06
N TYR A 527 -1.12 -7.68 -50.72
CA TYR A 527 -0.07 -8.48 -51.34
C TYR A 527 0.75 -9.17 -50.25
N VAL A 528 1.65 -10.04 -50.68
CA VAL A 528 2.48 -10.83 -49.78
C VAL A 528 3.90 -10.86 -50.34
N ARG A 529 4.88 -10.50 -49.50
CA ARG A 529 6.27 -10.51 -49.92
C ARG A 529 6.83 -11.94 -49.87
N VAL A 530 7.38 -12.39 -50.98
CA VAL A 530 8.03 -13.70 -51.07
C VAL A 530 9.45 -13.44 -51.53
N GLY A 531 10.36 -13.25 -50.59
CA GLY A 531 11.73 -12.88 -50.91
C GLY A 531 11.82 -11.47 -51.45
N THR A 532 12.07 -11.34 -52.75
CA THR A 532 12.03 -10.05 -53.41
C THR A 532 10.83 -9.87 -54.33
N THR A 533 10.11 -10.95 -54.64
CA THR A 533 8.94 -10.87 -55.49
C THR A 533 7.71 -10.51 -54.66
N ARG A 534 6.57 -10.36 -55.33
CA ARG A 534 5.33 -9.99 -54.68
C ARG A 534 4.20 -10.86 -55.21
N VAL A 535 3.34 -11.30 -54.30
CA VAL A 535 2.22 -12.19 -54.64
C VAL A 535 0.98 -11.65 -53.95
N PRO A 536 -0.17 -11.63 -54.63
CA PRO A 536 -1.40 -11.13 -53.98
C PRO A 536 -1.78 -11.96 -52.76
N MET A 537 -2.24 -11.26 -51.72
CA MET A 537 -2.70 -11.93 -50.52
C MET A 537 -3.94 -12.75 -50.81
N THR A 538 -3.92 -14.02 -50.44
CA THR A 538 -5.02 -14.94 -50.69
C THR A 538 -5.52 -15.51 -49.37
N GLY A 539 -6.47 -16.44 -49.49
CA GLY A 539 -7.08 -17.09 -48.35
C GLY A 539 -6.12 -17.94 -47.52
N PRO A 540 -5.57 -18.99 -48.13
CA PRO A 540 -4.69 -19.89 -47.37
C PRO A 540 -3.46 -19.21 -46.81
N VAL A 541 -2.99 -18.12 -47.42
CA VAL A 541 -1.83 -17.41 -46.88
C VAL A 541 -2.22 -16.63 -45.62
N LYS A 542 -3.32 -15.88 -45.69
CA LYS A 542 -3.76 -15.11 -44.53
C LYS A 542 -4.13 -16.01 -43.37
N GLU A 543 -4.71 -17.19 -43.65
CA GLU A 543 -5.04 -18.10 -42.57
C GLU A 543 -3.80 -18.74 -41.96
N LYS A 544 -2.78 -19.00 -42.77
CA LYS A 544 -1.54 -19.56 -42.24
C LYS A 544 -0.79 -18.53 -41.40
N ILE A 545 -0.84 -17.26 -41.80
CA ILE A 545 -0.17 -16.21 -41.02
C ILE A 545 -0.89 -16.01 -39.69
N LEU A 546 -2.21 -15.88 -39.72
CA LEU A 546 -2.96 -15.62 -38.50
C LEU A 546 -2.94 -16.81 -37.55
N SER A 547 -2.74 -18.03 -38.08
CA SER A 547 -2.64 -19.20 -37.21
C SER A 547 -1.38 -19.15 -36.37
N VAL A 548 -0.25 -18.81 -36.98
CA VAL A 548 1.00 -18.70 -36.22
C VAL A 548 0.94 -17.54 -35.24
N ILE A 549 0.12 -16.52 -35.54
CA ILE A 549 -0.07 -15.42 -34.59
C ILE A 549 -0.68 -15.94 -33.30
N LYS A 550 -1.68 -16.83 -33.39
CA LYS A 550 -2.31 -17.35 -32.20
C LYS A 550 -1.45 -18.39 -31.50
N GLU A 551 -0.57 -19.07 -32.23
CA GLU A 551 0.31 -20.03 -31.60
C GLU A 551 1.34 -19.36 -30.70
N TRP A 552 1.78 -18.15 -31.07
CA TRP A 552 2.78 -17.45 -30.29
C TRP A 552 2.18 -16.60 -29.18
N GLY A 553 0.96 -16.10 -29.37
CA GLY A 553 0.34 -15.25 -28.37
C GLY A 553 -0.46 -16.01 -27.34
N THR A 554 -1.07 -17.12 -27.75
CA THR A 554 -1.86 -17.95 -26.84
C THR A 554 -1.11 -19.16 -26.33
N GLY A 555 -0.16 -19.69 -27.10
CA GLY A 555 0.57 -20.87 -26.71
C GLY A 555 1.51 -20.60 -25.55
N ARG A 556 2.38 -21.59 -25.30
CA ARG A 556 3.32 -21.51 -24.18
C ARG A 556 4.32 -20.39 -24.35
N ASP A 557 4.49 -19.87 -25.56
CA ASP A 557 5.47 -18.81 -25.80
C ASP A 557 5.02 -17.49 -25.15
N THR A 558 3.73 -17.19 -25.21
CA THR A 558 3.16 -15.96 -24.66
C THR A 558 3.91 -14.73 -25.19
N LEU A 559 4.03 -14.66 -26.52
CA LEU A 559 4.76 -13.59 -27.18
C LEU A 559 3.81 -12.48 -27.61
N ARG A 560 4.35 -11.27 -27.70
CA ARG A 560 3.64 -10.14 -28.30
C ARG A 560 4.06 -10.05 -29.76
N CYS A 561 3.10 -10.25 -30.67
CA CYS A 561 3.39 -10.28 -32.09
C CYS A 561 3.24 -8.90 -32.72
N LEU A 562 4.08 -8.60 -33.70
CA LEU A 562 4.03 -7.36 -34.45
C LEU A 562 4.08 -7.69 -35.93
N ALA A 563 3.03 -7.31 -36.67
CA ALA A 563 3.00 -7.52 -38.11
C ALA A 563 3.76 -6.39 -38.80
N LEU A 564 4.69 -6.77 -39.68
CA LEU A 564 5.50 -5.81 -40.42
C LEU A 564 5.11 -5.87 -41.89
N ALA A 565 4.86 -4.71 -42.49
CA ALA A 565 4.45 -4.63 -43.88
C ALA A 565 5.03 -3.38 -44.51
N THR A 566 4.90 -3.30 -45.83
CA THR A 566 5.33 -2.13 -46.59
C THR A 566 4.26 -1.75 -47.59
N ARG A 567 4.26 -0.47 -47.98
CA ARG A 567 3.44 0.02 -49.07
C ARG A 567 4.37 0.33 -50.23
N ASP A 568 4.43 -0.60 -51.20
CA ASP A 568 5.35 -0.45 -52.32
C ASP A 568 5.03 0.78 -53.16
N THR A 569 3.75 1.15 -53.25
CA THR A 569 3.30 2.33 -53.98
C THR A 569 2.60 3.26 -53.00
N PRO A 570 3.35 4.05 -52.24
CA PRO A 570 2.73 4.99 -51.32
C PRO A 570 2.11 6.14 -52.08
N PRO A 571 1.15 6.84 -51.48
CA PRO A 571 0.55 8.00 -52.16
C PRO A 571 1.56 9.11 -52.34
N LYS A 572 1.25 10.01 -53.26
CA LYS A 572 2.13 11.15 -53.54
C LYS A 572 2.24 12.04 -52.31
N ARG A 573 3.43 12.64 -52.14
CA ARG A 573 3.70 13.43 -50.94
C ARG A 573 2.75 14.62 -50.82
N GLU A 574 2.43 15.27 -51.94
CA GLU A 574 1.55 16.43 -51.90
C GLU A 574 0.10 16.06 -51.63
N GLU A 575 -0.29 14.81 -51.90
CA GLU A 575 -1.65 14.36 -51.64
C GLU A 575 -1.84 13.83 -50.23
N MET A 576 -0.86 13.99 -49.36
CA MET A 576 -0.96 13.55 -47.98
C MET A 576 -1.00 14.76 -47.04
N VAL A 577 -1.82 14.66 -46.01
CA VAL A 577 -1.92 15.69 -44.98
C VAL A 577 -1.36 15.09 -43.70
N LEU A 578 -0.19 15.57 -43.28
CA LEU A 578 0.52 15.00 -42.15
C LEU A 578 -0.02 15.45 -40.81
N ASP A 579 -1.08 16.26 -40.79
CA ASP A 579 -1.66 16.74 -39.54
C ASP A 579 -2.97 16.06 -39.17
N ASP A 580 -3.64 15.42 -40.12
CA ASP A 580 -4.89 14.72 -39.86
C ASP A 580 -4.56 13.31 -39.39
N SER A 581 -4.61 13.10 -38.07
CA SER A 581 -4.33 11.78 -37.52
C SER A 581 -5.40 10.76 -37.91
N SER A 582 -6.58 11.21 -38.34
CA SER A 582 -7.62 10.29 -38.77
C SER A 582 -7.32 9.68 -40.13
N ARG A 583 -6.58 10.39 -40.98
CA ARG A 583 -6.24 9.89 -42.31
C ARG A 583 -5.01 9.00 -42.32
N PHE A 584 -4.41 8.71 -41.16
CA PHE A 584 -3.19 7.91 -41.13
C PHE A 584 -3.47 6.46 -41.52
N MET A 585 -4.64 5.93 -41.13
CA MET A 585 -4.97 4.55 -41.50
C MET A 585 -5.20 4.42 -43.00
N GLU A 586 -5.78 5.46 -43.63
CA GLU A 586 -5.95 5.44 -45.08
C GLU A 586 -4.62 5.44 -45.80
N TYR A 587 -3.62 6.13 -45.26
CA TYR A 587 -2.29 6.11 -45.86
C TYR A 587 -1.62 4.76 -45.70
N GLU A 588 -2.02 3.98 -44.70
CA GLU A 588 -1.42 2.68 -44.42
C GLU A 588 -2.26 1.54 -44.99
N THR A 589 -2.80 1.71 -46.19
CA THR A 589 -3.59 0.68 -46.85
C THR A 589 -2.85 0.17 -48.09
N ASP A 590 -3.42 -0.89 -48.68
CA ASP A 590 -2.83 -1.54 -49.86
C ASP A 590 -1.39 -1.95 -49.57
N LEU A 591 -1.17 -2.53 -48.40
CA LEU A 591 0.16 -2.91 -47.96
C LEU A 591 0.57 -4.26 -48.52
N THR A 592 1.84 -4.60 -48.34
CA THR A 592 2.38 -5.91 -48.69
C THR A 592 2.98 -6.53 -47.43
N PHE A 593 2.43 -7.66 -47.01
CA PHE A 593 2.91 -8.32 -45.80
C PHE A 593 4.35 -8.76 -45.97
N VAL A 594 5.19 -8.38 -45.01
CA VAL A 594 6.61 -8.74 -45.04
C VAL A 594 6.86 -9.88 -44.06
N GLY A 595 6.51 -9.67 -42.80
CA GLY A 595 6.73 -10.70 -41.79
C GLY A 595 6.15 -10.27 -40.46
N VAL A 596 6.28 -11.18 -39.49
CA VAL A 596 5.80 -10.95 -38.13
C VAL A 596 6.95 -11.16 -37.15
N VAL A 597 7.09 -10.25 -36.20
CA VAL A 597 8.14 -10.31 -35.19
C VAL A 597 7.46 -10.48 -33.83
N GLY A 598 7.87 -11.52 -33.10
CA GLY A 598 7.32 -11.78 -31.78
C GLY A 598 8.34 -11.67 -30.67
N MET A 599 8.04 -10.86 -29.66
CA MET A 599 8.95 -10.62 -28.54
C MET A 599 8.30 -11.03 -27.23
N LEU A 600 9.13 -11.24 -26.22
CA LEU A 600 8.68 -11.73 -24.92
C LEU A 600 8.98 -10.72 -23.83
N ASP A 601 8.00 -10.48 -22.97
CA ASP A 601 8.21 -9.78 -21.70
C ASP A 601 8.27 -10.83 -20.60
N PRO A 602 9.46 -11.31 -20.24
CA PRO A 602 9.55 -12.52 -19.41
C PRO A 602 9.13 -12.24 -17.97
N PRO A 603 8.39 -13.16 -17.35
CA PRO A 603 8.07 -13.01 -15.93
C PRO A 603 9.33 -13.14 -15.08
N ARG A 604 9.29 -12.52 -13.90
CA ARG A 604 10.43 -12.58 -13.01
C ARG A 604 10.59 -13.98 -12.43
N LYS A 605 11.80 -14.25 -11.94
CA LYS A 605 12.12 -15.60 -11.45
C LYS A 605 11.29 -15.95 -10.23
N GLU A 606 11.12 -15.02 -9.30
CA GLU A 606 10.48 -15.29 -8.02
C GLU A 606 8.96 -15.12 -8.06
N VAL A 607 8.39 -14.81 -9.22
CA VAL A 607 6.95 -14.60 -9.29
C VAL A 607 6.19 -15.93 -9.31
N MET A 608 6.74 -16.93 -10.01
CA MET A 608 6.06 -18.22 -10.09
C MET A 608 5.90 -18.85 -8.72
N GLY A 609 6.95 -18.79 -7.88
CA GLY A 609 6.86 -19.31 -6.54
C GLY A 609 6.00 -18.45 -5.62
N SER A 610 5.97 -17.14 -5.86
CA SER A 610 5.14 -16.26 -5.04
C SER A 610 3.66 -16.47 -5.32
N ILE A 611 3.30 -16.82 -6.55
CA ILE A 611 1.91 -17.14 -6.86
C ILE A 611 1.48 -18.39 -6.10
N GLN A 612 2.36 -19.39 -6.03
CA GLN A 612 2.02 -20.61 -5.29
C GLN A 612 1.93 -20.35 -3.79
N LEU A 613 2.75 -19.44 -3.26
CA LEU A 613 2.62 -19.08 -1.85
C LEU A 613 1.26 -18.43 -1.57
N CYS A 614 0.74 -17.66 -2.53
CA CYS A 614 -0.59 -17.10 -2.36
C CYS A 614 -1.66 -18.17 -2.43
N ARG A 615 -1.45 -19.22 -3.23
CA ARG A 615 -2.39 -20.33 -3.26
C ARG A 615 -2.41 -21.06 -1.93
N ASP A 616 -1.24 -21.31 -1.36
CA ASP A 616 -1.18 -22.02 -0.07
C ASP A 616 -1.71 -21.15 1.06
N ALA A 617 -1.64 -19.82 0.91
CA ALA A 617 -2.09 -18.90 1.93
C ALA A 617 -3.51 -18.40 1.69
N GLY A 618 -4.22 -18.95 0.71
CA GLY A 618 -5.58 -18.53 0.45
C GLY A 618 -5.71 -17.12 -0.06
N ILE A 619 -4.70 -16.61 -0.76
CA ILE A 619 -4.71 -15.26 -1.31
C ILE A 619 -4.90 -15.36 -2.81
N ARG A 620 -5.93 -14.70 -3.34
CA ARG A 620 -6.20 -14.70 -4.76
C ARG A 620 -5.43 -13.58 -5.45
N VAL A 621 -4.82 -13.91 -6.59
CA VAL A 621 -4.05 -12.96 -7.38
C VAL A 621 -4.85 -12.63 -8.64
N ILE A 622 -4.98 -11.33 -8.91
CA ILE A 622 -5.67 -10.84 -10.10
C ILE A 622 -4.67 -10.05 -10.93
N MET A 623 -4.52 -10.43 -12.20
CA MET A 623 -3.58 -9.78 -13.09
C MET A 623 -4.28 -8.67 -13.87
N ILE A 624 -3.55 -7.57 -14.07
CA ILE A 624 -4.05 -6.42 -14.83
C ILE A 624 -3.01 -6.05 -15.88
N THR A 625 -3.38 -6.20 -17.16
CA THR A 625 -2.45 -6.02 -18.27
C THR A 625 -3.00 -5.01 -19.27
N GLY A 626 -2.26 -4.82 -20.35
CA GLY A 626 -2.71 -4.07 -21.50
C GLY A 626 -2.69 -4.92 -22.75
N ASP A 627 -2.44 -6.21 -22.57
CA ASP A 627 -2.44 -7.16 -23.66
C ASP A 627 -3.87 -7.58 -24.00
N ASN A 628 -4.03 -8.24 -25.15
CA ASN A 628 -5.33 -8.75 -25.51
C ASN A 628 -5.73 -9.90 -24.59
N LYS A 629 -7.00 -10.29 -24.65
CA LYS A 629 -7.51 -11.32 -23.75
C LYS A 629 -6.83 -12.66 -23.98
N GLY A 630 -6.43 -12.94 -25.23
CA GLY A 630 -5.80 -14.22 -25.51
C GLY A 630 -4.44 -14.35 -24.86
N THR A 631 -3.62 -13.30 -24.96
CA THR A 631 -2.27 -13.36 -24.39
C THR A 631 -2.32 -13.22 -22.87
N ALA A 632 -3.22 -12.37 -22.36
CA ALA A 632 -3.33 -12.20 -20.92
C ALA A 632 -3.67 -13.51 -20.23
N ILE A 633 -4.58 -14.30 -20.81
CA ILE A 633 -4.89 -15.62 -20.27
C ILE A 633 -3.69 -16.55 -20.43
N ALA A 634 -2.94 -16.40 -21.53
CA ALA A 634 -1.76 -17.24 -21.74
C ALA A 634 -0.67 -16.94 -20.72
N ILE A 635 -0.47 -15.65 -20.40
CA ILE A 635 0.53 -15.29 -19.40
C ILE A 635 0.11 -15.77 -18.02
N CYS A 636 -1.20 -15.73 -17.73
CA CYS A 636 -1.69 -16.23 -16.45
C CYS A 636 -1.42 -17.73 -16.31
N ARG A 637 -1.64 -18.50 -17.37
CA ARG A 637 -1.33 -19.92 -17.33
C ARG A 637 0.15 -20.18 -17.20
N ARG A 638 1.00 -19.22 -17.60
CA ARG A 638 2.44 -19.41 -17.52
C ARG A 638 2.96 -19.23 -16.10
N ILE A 639 2.59 -18.12 -15.45
CA ILE A 639 3.09 -17.85 -14.11
C ILE A 639 2.34 -18.58 -13.02
N GLY A 640 1.23 -19.22 -13.35
CA GLY A 640 0.50 -20.05 -12.40
C GLY A 640 -0.83 -19.52 -11.91
N ILE A 641 -1.36 -18.46 -12.52
CA ILE A 641 -2.67 -17.97 -12.13
C ILE A 641 -3.75 -18.98 -12.51
N PHE A 642 -3.68 -19.51 -13.73
CA PHE A 642 -4.60 -20.53 -14.21
C PHE A 642 -3.84 -21.81 -14.51
N GLY A 643 -4.57 -22.92 -14.52
CA GLY A 643 -4.01 -24.16 -15.01
C GLY A 643 -3.91 -24.16 -16.52
N GLU A 644 -3.03 -25.02 -17.03
CA GLU A 644 -2.83 -25.08 -18.48
C GLU A 644 -4.08 -25.53 -19.21
N ASN A 645 -4.86 -26.43 -18.59
CA ASN A 645 -6.10 -26.92 -19.17
C ASN A 645 -7.30 -26.59 -18.28
N GLU A 646 -7.21 -25.48 -17.55
CA GLU A 646 -8.32 -25.02 -16.71
C GLU A 646 -9.20 -24.06 -17.52
N GLU A 647 -10.50 -24.31 -17.48
CA GLU A 647 -11.44 -23.43 -18.19
C GLU A 647 -11.55 -22.10 -17.47
N VAL A 648 -11.53 -21.02 -18.26
CA VAL A 648 -11.49 -19.66 -17.72
C VAL A 648 -12.46 -18.78 -18.50
N ALA A 649 -13.61 -19.35 -18.86
CA ALA A 649 -14.59 -18.60 -19.65
C ALA A 649 -15.15 -17.42 -18.87
N ASP A 650 -15.41 -17.60 -17.58
CA ASP A 650 -16.02 -16.57 -16.74
C ASP A 650 -15.07 -16.04 -15.68
N ARG A 651 -13.77 -16.25 -15.85
CA ARG A 651 -12.78 -15.79 -14.88
C ARG A 651 -11.77 -14.82 -15.49
N ALA A 652 -12.03 -14.31 -16.69
CA ALA A 652 -11.16 -13.35 -17.34
C ALA A 652 -12.01 -12.42 -18.19
N TYR A 653 -11.81 -11.11 -18.02
CA TYR A 653 -12.62 -10.12 -18.72
C TYR A 653 -11.72 -9.00 -19.23
N THR A 654 -12.24 -8.27 -20.20
CA THR A 654 -11.58 -7.09 -20.75
C THR A 654 -12.37 -5.84 -20.39
N GLY A 655 -11.88 -4.69 -20.84
CA GLY A 655 -12.57 -3.44 -20.57
C GLY A 655 -13.95 -3.38 -21.18
N ARG A 656 -14.06 -3.79 -22.46
CA ARG A 656 -15.35 -3.78 -23.13
C ARG A 656 -16.28 -4.85 -22.55
N GLU A 657 -15.74 -6.03 -22.26
CA GLU A 657 -16.56 -7.10 -21.70
C GLU A 657 -17.10 -6.72 -20.33
N PHE A 658 -16.27 -6.06 -19.51
CA PHE A 658 -16.69 -5.70 -18.17
C PHE A 658 -17.75 -4.61 -18.18
N ASP A 659 -17.62 -3.64 -19.10
CA ASP A 659 -18.59 -2.55 -19.18
C ASP A 659 -19.91 -3.00 -19.80
N ASP A 660 -19.87 -3.98 -20.72
CA ASP A 660 -21.08 -4.49 -21.33
C ASP A 660 -21.93 -5.32 -20.37
N LEU A 661 -21.43 -5.58 -19.17
CA LEU A 661 -22.16 -6.31 -18.13
C LEU A 661 -22.96 -5.35 -17.27
N PRO A 662 -24.15 -5.74 -16.82
CA PRO A 662 -24.87 -4.94 -15.83
C PRO A 662 -24.13 -4.93 -14.50
N LEU A 663 -24.53 -3.97 -13.65
CA LEU A 663 -23.87 -3.81 -12.37
C LEU A 663 -24.00 -5.05 -11.48
N ALA A 664 -25.05 -5.85 -11.69
CA ALA A 664 -25.20 -7.09 -10.92
C ALA A 664 -24.15 -8.12 -11.34
N GLU A 665 -24.00 -8.33 -12.65
CA GLU A 665 -23.04 -9.31 -13.13
C GLU A 665 -21.60 -8.80 -13.03
N GLN A 666 -21.40 -7.49 -12.93
CA GLN A 666 -20.05 -6.96 -12.71
C GLN A 666 -19.55 -7.35 -11.33
N ARG A 667 -20.39 -7.21 -10.31
CA ARG A 667 -20.00 -7.59 -8.95
C ARG A 667 -19.75 -9.09 -8.86
N GLU A 668 -20.58 -9.89 -9.53
CA GLU A 668 -20.37 -11.34 -9.53
C GLU A 668 -19.10 -11.72 -10.28
N ALA A 669 -18.73 -10.95 -11.30
CA ALA A 669 -17.53 -11.26 -12.07
C ALA A 669 -16.26 -11.05 -11.25
N CYS A 670 -16.24 -9.99 -10.44
CA CYS A 670 -15.04 -9.68 -9.66
C CYS A 670 -14.77 -10.70 -8.56
N ARG A 671 -15.77 -11.52 -8.19
CA ARG A 671 -15.55 -12.53 -7.17
C ARG A 671 -14.87 -13.78 -7.73
N ARG A 672 -14.93 -14.00 -9.04
CA ARG A 672 -14.32 -15.15 -9.67
C ARG A 672 -13.25 -14.82 -10.70
N ALA A 673 -13.09 -13.55 -11.07
CA ALA A 673 -12.12 -13.18 -12.08
C ALA A 673 -10.72 -13.08 -11.48
N CYS A 674 -9.73 -13.56 -12.23
CA CYS A 674 -8.33 -13.48 -11.81
C CYS A 674 -7.46 -12.81 -12.86
N CYS A 675 -8.05 -12.25 -13.91
CA CYS A 675 -7.29 -11.62 -14.99
C CYS A 675 -8.15 -10.57 -15.67
N PHE A 676 -7.65 -9.34 -15.75
CA PHE A 676 -8.32 -8.25 -16.43
C PHE A 676 -7.34 -7.66 -17.44
N ALA A 677 -7.75 -7.64 -18.71
CA ALA A 677 -6.89 -7.18 -19.81
C ALA A 677 -7.47 -5.92 -20.42
N ARG A 678 -6.61 -4.92 -20.65
CA ARG A 678 -6.99 -3.67 -21.30
C ARG A 678 -8.16 -3.02 -20.58
N VAL A 679 -7.91 -2.62 -19.34
CA VAL A 679 -8.94 -2.06 -18.47
C VAL A 679 -9.02 -0.55 -18.67
N GLU A 680 -10.23 -0.03 -18.57
CA GLU A 680 -10.45 1.41 -18.59
C GLU A 680 -9.89 2.02 -17.30
N PRO A 681 -9.64 3.34 -17.31
CA PRO A 681 -9.06 3.96 -16.10
C PRO A 681 -9.92 3.83 -14.87
N SER A 682 -11.25 3.85 -15.01
CA SER A 682 -12.14 3.75 -13.87
C SER A 682 -12.31 2.33 -13.35
N HIS A 683 -11.76 1.33 -14.05
CA HIS A 683 -12.03 -0.05 -13.67
C HIS A 683 -11.30 -0.47 -12.40
N LYS A 684 -10.12 0.12 -12.14
CA LYS A 684 -9.39 -0.24 -10.93
C LYS A 684 -10.20 0.11 -9.68
N SER A 685 -10.83 1.28 -9.67
CA SER A 685 -11.65 1.65 -8.52
C SER A 685 -12.94 0.86 -8.45
N LYS A 686 -13.48 0.45 -9.60
CA LYS A 686 -14.70 -0.34 -9.61
C LYS A 686 -14.43 -1.76 -9.11
N ILE A 687 -13.29 -2.34 -9.46
CA ILE A 687 -12.96 -3.68 -9.01
C ILE A 687 -12.74 -3.69 -7.49
N VAL A 688 -12.12 -2.65 -6.95
CA VAL A 688 -11.90 -2.57 -5.51
C VAL A 688 -13.22 -2.56 -4.76
N GLU A 689 -14.16 -1.73 -5.23
CA GLU A 689 -15.46 -1.65 -4.55
C GLU A 689 -16.19 -2.99 -4.59
N TYR A 690 -16.12 -3.69 -5.73
CA TYR A 690 -16.77 -4.99 -5.83
C TYR A 690 -16.12 -6.02 -4.91
N LEU A 691 -14.80 -5.96 -4.76
CA LEU A 691 -14.12 -6.83 -3.81
C LEU A 691 -14.48 -6.47 -2.38
N GLN A 692 -14.53 -5.17 -2.08
CA GLN A 692 -14.90 -4.73 -0.74
C GLN A 692 -16.34 -5.06 -0.40
N SER A 693 -17.21 -5.16 -1.42
CA SER A 693 -18.60 -5.56 -1.18
C SER A 693 -18.68 -6.99 -0.66
N TYR A 694 -17.72 -7.84 -1.04
CA TYR A 694 -17.60 -9.18 -0.50
C TYR A 694 -16.68 -9.24 0.72
N ASP A 695 -16.42 -8.09 1.35
CA ASP A 695 -15.58 -8.00 2.55
C ASP A 695 -14.18 -8.55 2.30
N GLU A 696 -13.68 -8.37 1.08
CA GLU A 696 -12.30 -8.74 0.77
C GLU A 696 -11.35 -7.62 1.18
N ILE A 697 -10.14 -8.00 1.59
CA ILE A 697 -9.09 -7.04 1.91
C ILE A 697 -8.19 -6.97 0.69
N THR A 698 -8.30 -5.87 -0.06
CA THR A 698 -7.75 -5.78 -1.41
C THR A 698 -6.44 -5.00 -1.40
N ALA A 699 -5.43 -5.55 -2.05
CA ALA A 699 -4.18 -4.86 -2.34
C ALA A 699 -4.15 -4.52 -3.82
N MET A 700 -3.95 -3.24 -4.14
CA MET A 700 -3.96 -2.75 -5.51
C MET A 700 -2.63 -2.08 -5.82
N THR A 701 -2.16 -2.25 -7.04
CA THR A 701 -0.91 -1.66 -7.51
C THR A 701 -1.18 -0.53 -8.48
N GLY A 702 -0.23 0.39 -8.55
CA GLY A 702 -0.34 1.53 -9.45
C GLY A 702 0.90 2.39 -9.36
N ASP A 703 1.06 3.27 -10.35
CA ASP A 703 2.24 4.13 -10.37
C ASP A 703 1.97 5.52 -10.95
N GLY A 704 0.71 5.91 -11.19
CA GLY A 704 0.43 7.22 -11.71
C GLY A 704 -0.72 7.87 -10.98
N VAL A 705 -0.94 9.15 -11.29
CA VAL A 705 -2.07 9.88 -10.69
C VAL A 705 -3.40 9.26 -11.12
N ASN A 706 -3.43 8.62 -12.30
CA ASN A 706 -4.62 7.89 -12.69
C ASN A 706 -4.94 6.77 -11.70
N ASP A 707 -3.91 6.14 -11.15
CA ASP A 707 -4.09 5.07 -10.18
C ASP A 707 -4.27 5.57 -8.75
N ALA A 708 -4.07 6.88 -8.52
CA ALA A 708 -4.13 7.40 -7.16
C ALA A 708 -5.47 7.16 -6.47
N PRO A 709 -6.63 7.42 -7.10
CA PRO A 709 -7.89 7.14 -6.39
C PRO A 709 -8.10 5.68 -6.06
N ALA A 710 -7.66 4.77 -6.93
CA ALA A 710 -7.80 3.35 -6.64
C ALA A 710 -6.86 2.91 -5.53
N LEU A 711 -5.69 3.54 -5.41
CA LEU A 711 -4.77 3.19 -4.34
C LEU A 711 -5.34 3.60 -2.98
N LYS A 712 -6.02 4.74 -2.91
CA LYS A 712 -6.60 5.18 -1.65
C LYS A 712 -7.84 4.39 -1.29
N LYS A 713 -8.60 3.99 -2.30
CA LYS A 713 -9.83 3.26 -2.03
C LYS A 713 -9.52 1.85 -1.56
N ALA A 714 -8.49 1.22 -2.14
CA ALA A 714 -8.12 -0.11 -1.74
C ALA A 714 -7.61 -0.12 -0.29
N GLU A 715 -7.75 -1.27 0.36
CA GLU A 715 -7.26 -1.40 1.73
C GLU A 715 -5.77 -1.14 1.81
N ILE A 716 -5.02 -1.58 0.80
CA ILE A 716 -3.57 -1.37 0.76
C ILE A 716 -3.15 -0.96 -0.64
N GLY A 717 -2.93 0.33 -0.85
CA GLY A 717 -2.34 0.78 -2.10
C GLY A 717 -0.86 0.46 -2.14
N ILE A 718 -0.42 -0.07 -3.28
CA ILE A 718 0.96 -0.49 -3.47
C ILE A 718 1.53 0.32 -4.63
N ALA A 719 2.50 1.17 -4.33
CA ALA A 719 3.15 1.99 -5.34
C ALA A 719 4.50 1.39 -5.73
N MET A 720 5.07 1.93 -6.80
CA MET A 720 6.36 1.49 -7.30
C MET A 720 7.48 2.41 -6.82
N GLY A 721 8.66 1.83 -6.59
CA GLY A 721 9.81 2.63 -6.22
C GLY A 721 10.20 3.62 -7.30
N SER A 722 9.93 3.29 -8.57
CA SER A 722 10.14 4.19 -9.68
C SER A 722 8.87 4.94 -10.08
N GLY A 723 7.78 4.77 -9.34
CA GLY A 723 6.53 5.42 -9.65
C GLY A 723 6.53 6.89 -9.31
N THR A 724 5.41 7.54 -9.62
CA THR A 724 5.26 8.96 -9.37
C THR A 724 5.18 9.23 -7.86
N ALA A 725 5.43 10.49 -7.50
CA ALA A 725 5.37 10.87 -6.09
C ALA A 725 3.96 10.79 -5.54
N VAL A 726 2.97 11.15 -6.37
CA VAL A 726 1.58 11.09 -5.91
C VAL A 726 1.15 9.66 -5.66
N ALA A 727 1.59 8.73 -6.52
CA ALA A 727 1.26 7.32 -6.31
C ALA A 727 1.87 6.80 -5.01
N LYS A 728 3.05 7.29 -4.64
CA LYS A 728 3.68 6.84 -3.40
C LYS A 728 2.96 7.41 -2.18
N THR A 729 2.63 8.71 -2.21
CA THR A 729 1.97 9.34 -1.07
C THR A 729 0.55 8.82 -0.87
N ALA A 730 -0.05 8.24 -1.91
CA ALA A 730 -1.39 7.69 -1.87
C ALA A 730 -1.42 6.22 -1.49
N SER A 731 -0.26 5.59 -1.39
CA SER A 731 -0.16 4.16 -1.15
C SER A 731 0.27 3.87 0.29
N GLU A 732 -0.05 2.67 0.75
CA GLU A 732 0.36 2.23 2.07
C GLU A 732 1.72 1.54 2.05
N MET A 733 2.16 1.04 0.90
CA MET A 733 3.45 0.38 0.76
C MET A 733 4.07 0.75 -0.57
N VAL A 734 5.40 0.79 -0.60
CA VAL A 734 6.16 1.13 -1.80
C VAL A 734 7.18 0.02 -2.05
N LEU A 735 7.11 -0.58 -3.22
CA LEU A 735 8.05 -1.65 -3.59
C LEU A 735 9.34 -1.02 -4.09
N ALA A 736 10.44 -1.25 -3.36
CA ALA A 736 11.71 -0.64 -3.73
C ALA A 736 12.24 -1.20 -5.03
N ASP A 737 11.97 -2.47 -5.33
CA ASP A 737 12.45 -3.11 -6.55
C ASP A 737 11.35 -3.39 -7.55
N ASP A 738 10.14 -2.86 -7.31
CA ASP A 738 8.99 -3.04 -8.20
C ASP A 738 8.64 -4.51 -8.43
N ASN A 739 9.08 -5.40 -7.55
CA ASN A 739 8.88 -6.83 -7.74
C ASN A 739 7.59 -7.28 -7.05
N PHE A 740 6.85 -8.14 -7.74
CA PHE A 740 5.63 -8.71 -7.15
C PHE A 740 5.94 -9.56 -5.93
N SER A 741 7.08 -10.23 -5.91
CA SER A 741 7.44 -11.07 -4.78
C SER A 741 7.60 -10.28 -3.50
N THR A 742 7.88 -8.98 -3.59
CA THR A 742 7.97 -8.15 -2.39
C THR A 742 6.62 -8.06 -1.69
N ILE A 743 5.53 -8.09 -2.46
CA ILE A 743 4.20 -8.05 -1.86
C ILE A 743 3.95 -9.29 -1.01
N VAL A 744 4.25 -10.47 -1.57
CA VAL A 744 4.03 -11.71 -0.85
C VAL A 744 4.94 -11.78 0.38
N ALA A 745 6.18 -11.32 0.24
CA ALA A 745 7.07 -11.29 1.39
C ALA A 745 6.60 -10.30 2.46
N ALA A 746 5.97 -9.20 2.03
CA ALA A 746 5.43 -8.25 2.99
C ALA A 746 4.18 -8.79 3.66
N VAL A 747 3.37 -9.55 2.92
CA VAL A 747 2.20 -10.18 3.52
C VAL A 747 2.62 -11.27 4.49
N GLU A 748 3.63 -12.06 4.12
CA GLU A 748 4.12 -13.10 5.02
C GLU A 748 4.63 -12.50 6.33
N GLU A 749 5.41 -11.41 6.25
CA GLU A 749 5.90 -10.76 7.45
C GLU A 749 4.75 -10.12 8.24
N GLY A 750 3.71 -9.67 7.55
CA GLY A 750 2.58 -9.08 8.26
C GLY A 750 1.85 -10.08 9.13
N ARG A 751 1.70 -11.31 8.65
CA ARG A 751 1.09 -12.35 9.48
C ARG A 751 1.98 -12.73 10.65
N ALA A 752 3.31 -12.75 10.42
CA ALA A 752 4.23 -13.12 11.49
C ALA A 752 4.25 -12.07 12.59
N ILE A 753 4.14 -10.80 12.23
CA ILE A 753 4.12 -9.74 13.25
C ILE A 753 2.87 -9.84 14.09
N TYR A 754 1.71 -10.06 13.45
CA TYR A 754 0.46 -10.11 14.19
C TYR A 754 0.37 -11.35 15.07
N ASN A 755 1.03 -12.44 14.68
CA ASN A 755 1.05 -13.63 15.52
C ASN A 755 1.70 -13.33 16.87
N ASN A 756 2.87 -12.70 16.85
CA ASN A 756 3.50 -12.27 18.09
C ASN A 756 2.76 -11.10 18.71
N MET A 757 2.19 -10.21 17.88
CA MET A 757 1.44 -9.08 18.40
C MET A 757 0.17 -9.54 19.12
N LYS A 758 -0.45 -10.61 18.63
CA LYS A 758 -1.61 -11.16 19.30
C LYS A 758 -1.27 -11.69 20.69
N GLN A 759 -0.02 -12.11 20.89
CA GLN A 759 0.35 -12.76 22.15
C GLN A 759 0.61 -11.75 23.25
N PHE A 760 1.47 -10.74 23.00
CA PHE A 760 1.76 -9.81 24.08
C PHE A 760 0.59 -8.90 24.39
N ILE A 761 -0.37 -8.77 23.48
CA ILE A 761 -1.61 -8.05 23.82
C ILE A 761 -2.41 -8.86 24.83
N ARG A 762 -2.57 -10.16 24.58
CA ARG A 762 -3.24 -11.02 25.54
C ARG A 762 -2.52 -11.04 26.88
N TYR A 763 -1.18 -10.93 26.86
CA TYR A 763 -0.41 -10.95 28.09
C TYR A 763 -0.65 -9.69 28.92
N LEU A 764 -0.49 -8.52 28.30
CA LEU A 764 -0.71 -7.27 29.04
C LEU A 764 -2.16 -7.08 29.42
N ILE A 765 -3.10 -7.56 28.60
CA ILE A 765 -4.51 -7.39 28.91
C ILE A 765 -4.91 -8.29 30.07
N SER A 766 -4.43 -9.54 30.09
CA SER A 766 -4.77 -10.45 31.18
C SER A 766 -4.21 -9.94 32.51
N SER A 767 -3.08 -9.22 32.48
CA SER A 767 -2.56 -8.62 33.70
C SER A 767 -3.52 -7.57 34.23
N ASN A 768 -4.09 -6.74 33.34
CA ASN A 768 -5.04 -5.73 33.78
C ASN A 768 -6.32 -6.37 34.32
N VAL A 769 -6.67 -7.56 33.85
CA VAL A 769 -7.83 -8.26 34.40
C VAL A 769 -7.56 -8.71 35.82
N GLY A 770 -6.38 -9.29 36.07
CA GLY A 770 -6.05 -9.72 37.42
C GLY A 770 -5.85 -8.57 38.39
N GLU A 771 -5.36 -7.43 37.89
CA GLU A 771 -5.19 -6.27 38.75
C GLU A 771 -6.53 -5.70 39.20
N VAL A 772 -7.55 -5.77 38.34
CA VAL A 772 -8.87 -5.27 38.72
C VAL A 772 -9.51 -6.19 39.75
N VAL A 773 -9.38 -7.50 39.57
CA VAL A 773 -9.89 -8.45 40.56
C VAL A 773 -9.22 -8.21 41.91
N CYS A 774 -7.94 -7.85 41.89
CA CYS A 774 -7.24 -7.52 43.13
C CYS A 774 -7.84 -6.28 43.79
N ILE A 775 -8.15 -5.26 43.00
CA ILE A 775 -8.68 -4.02 43.58
C ILE A 775 -10.17 -4.16 43.91
N PHE A 776 -10.90 -4.99 43.16
CA PHE A 776 -12.30 -5.23 43.50
C PHE A 776 -12.42 -5.97 44.82
N LEU A 777 -11.53 -6.94 45.07
CA LEU A 777 -11.54 -7.64 46.34
C LEU A 777 -11.17 -6.71 47.50
N THR A 778 -10.30 -5.73 47.24
CA THR A 778 -9.93 -4.77 48.28
C THR A 778 -11.13 -3.92 48.69
N ALA A 779 -11.89 -3.44 47.70
CA ALA A 779 -13.05 -2.59 48.01
C ALA A 779 -14.24 -3.40 48.51
N ALA A 780 -14.42 -4.62 48.00
CA ALA A 780 -15.58 -5.41 48.40
C ALA A 780 -15.45 -5.92 49.84
N LEU A 781 -14.23 -6.15 50.31
CA LEU A 781 -14.01 -6.66 51.66
C LEU A 781 -13.68 -5.57 52.66
N GLY A 782 -13.21 -4.41 52.20
CA GLY A 782 -12.82 -3.34 53.11
C GLY A 782 -11.41 -3.43 53.63
N LEU A 783 -10.49 -3.99 52.85
CA LEU A 783 -9.10 -4.15 53.24
C LEU A 783 -8.30 -2.91 52.84
N PRO A 784 -7.12 -2.71 53.43
CA PRO A 784 -6.25 -1.62 52.98
C PRO A 784 -5.74 -1.88 51.57
N GLU A 785 -5.31 -0.79 50.92
CA GLU A 785 -4.83 -0.87 49.55
C GLU A 785 -3.60 -1.75 49.42
N ALA A 786 -3.76 -2.92 48.79
CA ALA A 786 -2.63 -3.81 48.55
C ALA A 786 -1.76 -3.34 47.39
N LEU A 787 -2.34 -2.59 46.44
CA LEU A 787 -1.60 -2.07 45.31
C LEU A 787 -2.00 -0.61 45.08
N ILE A 788 -0.99 0.23 44.84
CA ILE A 788 -1.17 1.67 44.67
C ILE A 788 -1.02 2.00 43.19
N PRO A 789 -1.78 2.95 42.65
CA PRO A 789 -1.65 3.30 41.22
C PRO A 789 -0.22 3.54 40.75
N VAL A 790 0.65 4.07 41.61
CA VAL A 790 2.05 4.26 41.23
C VAL A 790 2.71 2.92 40.95
N GLN A 791 2.43 1.92 41.79
CA GLN A 791 3.00 0.59 41.58
C GLN A 791 2.44 -0.06 40.32
N LEU A 792 1.13 0.10 40.07
CA LEU A 792 0.52 -0.50 38.90
C LEU A 792 1.04 0.13 37.62
N LEU A 793 1.28 1.44 37.63
CA LEU A 793 1.84 2.09 36.45
C LEU A 793 3.25 1.59 36.15
N TRP A 794 4.04 1.35 37.20
CA TRP A 794 5.40 0.85 36.99
C TRP A 794 5.40 -0.55 36.38
N VAL A 795 4.42 -1.37 36.74
CA VAL A 795 4.36 -2.72 36.20
C VAL A 795 3.80 -2.72 34.78
N ASN A 796 2.71 -1.98 34.56
CA ASN A 796 2.07 -1.97 33.25
C ASN A 796 2.91 -1.26 32.20
N LEU A 797 3.88 -0.44 32.61
CA LEU A 797 4.73 0.27 31.66
C LEU A 797 6.12 -0.35 31.52
N VAL A 798 6.67 -0.91 32.61
CA VAL A 798 8.06 -1.34 32.60
C VAL A 798 8.18 -2.82 32.90
N THR A 799 7.66 -3.24 34.07
CA THR A 799 7.85 -4.62 34.51
C THR A 799 7.20 -5.61 33.54
N ASP A 800 6.02 -5.28 33.02
CA ASP A 800 5.36 -6.12 32.03
C ASP A 800 5.63 -5.68 30.60
N GLY A 801 6.03 -4.43 30.38
CA GLY A 801 6.30 -3.95 29.03
C GLY A 801 7.55 -4.53 28.40
N LEU A 802 8.51 -4.97 29.22
CA LEU A 802 9.74 -5.55 28.70
C LEU A 802 9.52 -6.98 28.20
N PRO A 803 8.89 -7.88 28.97
CA PRO A 803 8.57 -9.19 28.41
C PRO A 803 7.51 -9.15 27.32
N ALA A 804 6.67 -8.12 27.31
CA ALA A 804 5.72 -7.97 26.20
C ALA A 804 6.45 -7.67 24.90
N THR A 805 7.40 -6.73 24.93
CA THR A 805 8.24 -6.49 23.77
C THR A 805 9.02 -7.73 23.38
N ALA A 806 9.47 -8.50 24.37
CA ALA A 806 10.16 -9.75 24.09
C ALA A 806 9.24 -10.76 23.42
N LEU A 807 7.94 -10.73 23.74
CA LEU A 807 7.00 -11.63 23.09
C LEU A 807 6.80 -11.28 21.61
N GLY A 808 7.15 -10.06 21.21
CA GLY A 808 7.11 -9.70 19.81
C GLY A 808 8.19 -10.36 18.96
N PHE A 809 9.15 -11.04 19.59
CA PHE A 809 10.22 -11.74 18.89
C PHE A 809 10.05 -13.25 18.95
N ASN A 810 8.84 -13.74 19.19
CA ASN A 810 8.62 -15.17 19.23
C ASN A 810 8.85 -15.77 17.84
N PRO A 811 9.42 -16.97 17.77
CA PRO A 811 9.65 -17.60 16.46
C PRO A 811 8.34 -17.81 15.73
N PRO A 812 8.27 -17.43 14.45
CA PRO A 812 7.01 -17.56 13.71
C PRO A 812 6.72 -19.01 13.38
N ASP A 813 5.44 -19.28 13.14
CA ASP A 813 5.01 -20.62 12.77
C ASP A 813 5.51 -20.98 11.39
N LEU A 814 5.85 -22.26 11.22
CA LEU A 814 6.34 -22.76 9.94
C LEU A 814 5.22 -23.00 8.93
N ASP A 815 3.96 -22.78 9.31
CA ASP A 815 2.83 -22.96 8.41
C ASP A 815 2.01 -21.67 8.31
N ILE A 816 2.67 -20.53 8.43
CA ILE A 816 1.96 -19.25 8.35
C ILE A 816 1.35 -19.07 6.97
N MET A 817 2.14 -19.34 5.93
CA MET A 817 1.66 -19.21 4.55
C MET A 817 0.91 -20.45 4.07
N ASP A 818 0.54 -21.36 4.98
CA ASP A 818 -0.27 -22.52 4.65
C ASP A 818 -1.67 -22.44 5.22
N ARG A 819 -2.06 -21.28 5.76
CA ARG A 819 -3.37 -21.07 6.34
C ARG A 819 -4.09 -19.93 5.62
N PRO A 820 -5.42 -19.95 5.57
CA PRO A 820 -6.17 -18.86 4.94
C PRO A 820 -5.95 -17.56 5.69
N PRO A 821 -6.21 -16.41 5.04
CA PRO A 821 -5.98 -15.13 5.71
C PRO A 821 -6.90 -14.96 6.91
N ARG A 822 -6.43 -14.18 7.89
CA ARG A 822 -7.17 -13.97 9.12
C ARG A 822 -8.39 -13.09 8.89
N SER A 823 -9.51 -13.47 9.51
CA SER A 823 -10.70 -12.65 9.43
C SER A 823 -10.53 -11.40 10.30
N PRO A 824 -10.92 -10.22 9.80
CA PRO A 824 -10.75 -9.00 10.60
C PRO A 824 -11.63 -8.98 11.84
N LYS A 825 -12.77 -9.66 11.82
CA LYS A 825 -13.71 -9.68 12.94
C LYS A 825 -13.35 -10.72 13.99
N GLU A 826 -12.17 -11.33 13.91
CA GLU A 826 -11.76 -12.35 14.86
C GLU A 826 -11.29 -11.70 16.16
N PRO A 827 -11.99 -11.90 17.27
CA PRO A 827 -11.56 -11.31 18.53
C PRO A 827 -10.27 -11.94 19.03
N LEU A 828 -9.52 -11.17 19.81
CA LEU A 828 -8.26 -11.67 20.36
C LEU A 828 -8.50 -12.67 21.47
N ILE A 829 -9.48 -12.42 22.33
CA ILE A 829 -9.78 -13.28 23.47
C ILE A 829 -11.26 -13.63 23.40
N SER A 830 -11.57 -14.92 23.25
CA SER A 830 -12.94 -15.40 23.21
C SER A 830 -12.95 -16.91 23.43
N GLY A 831 -14.13 -17.43 23.73
CA GLY A 831 -14.28 -18.87 23.89
C GLY A 831 -13.59 -19.37 25.14
N TRP A 832 -12.86 -20.48 25.01
CA TRP A 832 -12.17 -21.07 26.16
C TRP A 832 -11.04 -20.17 26.65
N LEU A 833 -10.43 -19.39 25.75
CA LEU A 833 -9.40 -18.46 26.18
C LEU A 833 -9.98 -17.35 27.04
N PHE A 834 -11.23 -16.95 26.79
CA PHE A 834 -11.88 -15.96 27.64
C PHE A 834 -12.06 -16.51 29.05
N PHE A 835 -12.35 -17.81 29.19
CA PHE A 835 -12.48 -18.41 30.50
C PHE A 835 -11.12 -18.64 31.15
N ARG A 836 -10.07 -18.84 30.35
CA ARG A 836 -8.74 -19.02 30.91
C ARG A 836 -8.28 -17.76 31.64
N TYR A 837 -8.30 -16.62 30.95
CA TYR A 837 -7.84 -15.37 31.55
C TYR A 837 -8.76 -14.86 32.65
N MET A 838 -9.97 -15.42 32.78
CA MET A 838 -10.76 -15.16 33.97
C MET A 838 -10.25 -15.97 35.15
N ALA A 839 -9.91 -17.25 34.92
CA ALA A 839 -9.32 -18.06 35.99
C ALA A 839 -7.91 -17.58 36.32
N ILE A 840 -7.14 -17.19 35.31
CA ILE A 840 -5.83 -16.61 35.57
C ILE A 840 -5.96 -15.27 36.29
N GLY A 841 -6.82 -14.40 35.78
CA GLY A 841 -7.04 -13.11 36.44
C GLY A 841 -7.65 -13.26 37.81
N GLY A 842 -8.54 -14.24 37.98
CA GLY A 842 -9.08 -14.51 39.30
C GLY A 842 -8.04 -15.03 40.27
N TYR A 843 -6.99 -15.66 39.75
CA TYR A 843 -5.89 -16.11 40.60
C TYR A 843 -4.99 -14.95 41.00
N VAL A 844 -4.62 -14.10 40.03
CA VAL A 844 -3.76 -12.97 40.32
C VAL A 844 -4.42 -12.04 41.33
N GLY A 845 -5.72 -11.80 41.17
CA GLY A 845 -6.43 -10.95 42.11
C GLY A 845 -6.47 -11.53 43.52
N ALA A 846 -6.64 -12.84 43.62
CA ALA A 846 -6.66 -13.48 44.94
C ALA A 846 -5.27 -13.71 45.49
N ALA A 847 -4.27 -13.86 44.62
CA ALA A 847 -2.90 -14.08 45.10
C ALA A 847 -2.31 -12.81 45.69
N THR A 848 -2.59 -11.66 45.07
CA THR A 848 -2.03 -10.40 45.56
C THR A 848 -2.72 -9.93 46.83
N VAL A 849 -4.06 -10.01 46.87
CA VAL A 849 -4.80 -9.60 48.07
C VAL A 849 -4.45 -10.51 49.24
N GLY A 850 -4.34 -11.81 48.98
CA GLY A 850 -3.96 -12.73 50.04
C GLY A 850 -2.52 -12.55 50.50
N ALA A 851 -1.66 -12.05 49.62
CA ALA A 851 -0.26 -11.83 50.00
C ALA A 851 -0.14 -10.69 51.01
N ALA A 852 -0.79 -9.55 50.74
CA ALA A 852 -0.76 -8.45 51.70
C ALA A 852 -1.50 -8.79 52.97
N ALA A 853 -2.57 -9.58 52.88
CA ALA A 853 -3.28 -10.02 54.08
C ALA A 853 -2.49 -11.02 54.90
N TRP A 854 -1.55 -11.72 54.27
CA TRP A 854 -0.69 -12.67 55.04
C TRP A 854 0.20 -11.88 56.00
N TRP A 855 0.96 -10.91 55.50
CA TRP A 855 1.91 -10.16 56.35
C TRP A 855 1.13 -9.50 57.48
N PHE A 856 -0.05 -8.96 57.17
CA PHE A 856 -0.90 -8.33 58.19
C PHE A 856 -1.44 -9.37 59.19
N MET A 857 -1.74 -10.59 58.74
CA MET A 857 -2.40 -11.53 59.69
C MET A 857 -1.49 -12.68 60.15
N TYR A 858 -0.98 -13.51 59.24
CA TYR A 858 -0.24 -14.73 59.69
C TYR A 858 1.28 -14.56 59.57
N ALA A 859 1.77 -13.35 59.34
CA ALA A 859 3.22 -13.18 59.15
C ALA A 859 3.92 -12.97 60.49
N GLU A 860 4.97 -13.75 60.75
CA GLU A 860 5.72 -13.62 62.03
C GLU A 860 6.36 -12.23 62.09
N ASP A 861 6.92 -11.77 60.97
CA ASP A 861 7.63 -10.47 60.96
C ASP A 861 6.62 -9.34 61.12
N GLY A 862 5.32 -9.63 60.94
CA GLY A 862 4.32 -8.55 60.96
C GLY A 862 3.31 -8.73 62.06
N PRO A 863 2.61 -7.65 62.49
CA PRO A 863 1.69 -7.75 63.61
C PRO A 863 0.47 -8.59 63.23
N GLY A 864 0.22 -9.67 63.96
CA GLY A 864 -0.98 -10.48 63.69
C GLY A 864 -2.21 -9.66 63.96
N VAL A 865 -3.22 -9.76 63.10
CA VAL A 865 -4.43 -8.91 63.25
C VAL A 865 -5.66 -9.73 62.88
N THR A 866 -6.78 -9.51 63.55
CA THR A 866 -8.01 -10.21 63.20
C THR A 866 -8.52 -9.72 61.85
N TYR A 867 -9.12 -10.64 61.10
CA TYR A 867 -9.71 -10.27 59.81
C TYR A 867 -10.76 -9.18 59.99
N HIS A 868 -11.57 -9.27 61.05
CA HIS A 868 -12.50 -8.20 61.37
C HIS A 868 -11.76 -6.88 61.57
N GLN A 869 -10.65 -6.89 62.30
CA GLN A 869 -9.86 -5.67 62.47
C GLN A 869 -9.36 -5.17 61.12
N LEU A 870 -8.85 -6.07 60.28
CA LEU A 870 -8.39 -5.65 58.96
C LEU A 870 -9.54 -5.09 58.13
N THR A 871 -10.70 -5.74 58.16
CA THR A 871 -11.85 -5.22 57.43
C THR A 871 -12.32 -3.90 58.02
N HIS A 872 -12.22 -3.74 59.34
CA HIS A 872 -12.65 -2.54 60.02
C HIS A 872 -11.46 -1.70 60.48
N PHE A 873 -10.38 -1.73 59.68
CA PHE A 873 -9.13 -1.08 60.08
C PHE A 873 -9.28 0.43 60.19
N MET A 874 -10.18 1.02 59.41
CA MET A 874 -10.42 2.44 59.50
C MET A 874 -10.95 2.86 60.87
N GLN A 875 -11.41 1.93 61.69
CA GLN A 875 -11.86 2.21 63.04
C GLN A 875 -10.75 2.10 64.08
N CYS A 876 -9.50 1.92 63.65
CA CYS A 876 -8.39 1.82 64.61
C CYS A 876 -8.21 3.12 65.39
N THR A 877 -8.51 4.26 64.76
CA THR A 877 -8.35 5.55 65.43
C THR A 877 -9.04 5.57 66.79
N GLU A 878 -10.16 4.87 66.93
CA GLU A 878 -10.87 4.84 68.21
C GLU A 878 -10.10 4.12 69.30
N ASP A 879 -9.03 3.39 68.97
CA ASP A 879 -8.35 2.49 69.89
C ASP A 879 -9.38 1.59 70.58
N HIS A 880 -10.32 1.11 69.77
CA HIS A 880 -11.45 0.32 70.25
C HIS A 880 -10.97 -0.81 71.15
N PRO A 881 -11.80 -1.24 72.11
CA PRO A 881 -11.52 -2.51 72.79
C PRO A 881 -11.48 -3.65 71.81
N HIS A 882 -12.26 -3.57 70.73
CA HIS A 882 -12.16 -4.51 69.62
C HIS A 882 -10.75 -4.51 69.04
N PHE A 883 -10.12 -3.34 68.95
CA PHE A 883 -8.71 -3.30 68.59
C PHE A 883 -7.86 -3.59 69.83
N GLU A 884 -6.63 -4.05 69.58
CA GLU A 884 -5.72 -4.39 70.66
C GLU A 884 -4.77 -3.23 70.98
N GLY A 885 -5.15 -2.00 70.68
CA GLY A 885 -4.22 -0.91 70.85
C GLY A 885 -3.06 -0.94 69.89
N LEU A 886 -3.16 -1.72 68.82
CA LEU A 886 -2.10 -1.76 67.83
C LEU A 886 -1.97 -0.39 67.17
N ASP A 887 -0.74 0.00 66.87
CA ASP A 887 -0.51 1.26 66.17
C ASP A 887 -1.30 1.29 64.88
N CYS A 888 -2.11 2.34 64.70
CA CYS A 888 -2.89 2.44 63.47
C CYS A 888 -2.00 2.59 62.24
N GLU A 889 -0.78 3.12 62.42
CA GLU A 889 0.14 3.25 61.30
C GLU A 889 0.46 1.91 60.65
N ILE A 890 0.29 0.80 61.39
CA ILE A 890 0.50 -0.52 60.82
C ILE A 890 -0.35 -0.72 59.58
N PHE A 891 -1.60 -0.28 59.61
CA PHE A 891 -2.48 -0.47 58.46
C PHE A 891 -1.99 0.29 57.24
N GLU A 892 -1.04 1.22 57.42
CA GLU A 892 -0.39 1.90 56.31
C GLU A 892 1.03 1.39 56.07
N ALA A 893 1.35 0.20 56.55
CA ALA A 893 2.73 -0.27 56.50
C ALA A 893 3.16 -0.53 55.06
N PRO A 894 4.43 -0.32 54.73
CA PRO A 894 4.88 -0.56 53.35
C PRO A 894 5.03 -2.04 53.02
N GLU A 895 5.64 -2.80 53.94
CA GLU A 895 5.90 -4.24 53.77
C GLU A 895 4.75 -5.04 53.13
N PRO A 896 3.50 -4.92 53.57
CA PRO A 896 2.43 -5.71 52.93
C PRO A 896 2.23 -5.39 51.46
N MET A 897 2.42 -4.14 51.03
CA MET A 897 2.26 -3.81 49.62
C MET A 897 3.36 -4.41 48.76
N THR A 898 4.51 -4.74 49.35
CA THR A 898 5.57 -5.40 48.61
C THR A 898 5.25 -6.88 48.37
N MET A 899 4.56 -7.52 49.31
CA MET A 899 4.11 -8.89 49.10
C MET A 899 3.16 -8.96 47.92
N ALA A 900 2.16 -8.08 47.89
CA ALA A 900 1.22 -8.07 46.77
C ALA A 900 1.90 -7.69 45.47
N LEU A 901 2.89 -6.80 45.53
CA LEU A 901 3.57 -6.37 44.31
C LEU A 901 4.50 -7.45 43.79
N SER A 902 5.31 -8.04 44.68
CA SER A 902 6.22 -9.09 44.27
C SER A 902 5.47 -10.33 43.78
N VAL A 903 4.31 -10.62 44.37
CA VAL A 903 3.47 -11.71 43.87
C VAL A 903 2.98 -11.37 42.47
N LEU A 904 2.50 -10.15 42.27
CA LEU A 904 2.01 -9.74 40.95
C LEU A 904 3.14 -9.73 39.93
N VAL A 905 4.33 -9.26 40.32
CA VAL A 905 5.45 -9.22 39.39
C VAL A 905 5.88 -10.63 39.01
N THR A 906 6.04 -11.51 40.00
CA THR A 906 6.46 -12.87 39.71
C THR A 906 5.41 -13.64 38.93
N ILE A 907 4.12 -13.38 39.18
CA ILE A 907 3.07 -14.03 38.40
C ILE A 907 3.15 -13.61 36.94
N GLU A 908 3.29 -12.31 36.70
CA GLU A 908 3.37 -11.83 35.33
C GLU A 908 4.64 -12.31 34.63
N MET A 909 5.72 -12.54 35.38
CA MET A 909 6.88 -13.19 34.80
C MET A 909 6.56 -14.63 34.40
N CYS A 910 5.81 -15.34 35.26
CA CYS A 910 5.37 -16.68 34.91
C CYS A 910 4.32 -16.65 33.81
N ASN A 911 3.40 -15.69 33.87
CA ASN A 911 2.36 -15.59 32.85
C ASN A 911 2.95 -15.20 31.50
N ALA A 912 4.10 -14.51 31.50
CA ALA A 912 4.78 -14.21 30.25
C ALA A 912 5.38 -15.46 29.63
N LEU A 913 5.82 -16.41 30.45
CA LEU A 913 6.30 -17.68 29.91
C LEU A 913 5.16 -18.50 29.32
N ASN A 914 3.99 -18.47 29.96
CA ASN A 914 2.82 -19.17 29.44
C ASN A 914 2.27 -18.53 28.18
N SER A 915 2.68 -17.30 27.86
CA SER A 915 2.21 -16.61 26.68
C SER A 915 3.04 -16.93 25.44
N LEU A 916 4.06 -17.77 25.55
CA LEU A 916 4.82 -18.18 24.38
C LEU A 916 3.96 -18.96 23.40
N SER A 917 2.94 -19.66 23.89
CA SER A 917 2.02 -20.41 23.06
C SER A 917 0.62 -20.29 23.64
N GLU A 918 -0.38 -20.38 22.76
CA GLU A 918 -1.77 -20.27 23.21
C GLU A 918 -2.25 -21.57 23.86
N ASN A 919 -1.95 -22.70 23.24
CA ASN A 919 -2.42 -23.99 23.75
C ASN A 919 -1.32 -25.02 23.98
N GLN A 920 -0.13 -24.84 23.41
CA GLN A 920 0.93 -25.84 23.57
C GLN A 920 1.57 -25.73 24.94
N SER A 921 1.88 -26.89 25.53
CA SER A 921 2.43 -26.94 26.87
C SER A 921 3.88 -26.47 26.90
N LEU A 922 4.31 -26.02 28.08
CA LEU A 922 5.71 -25.64 28.24
C LEU A 922 6.62 -26.86 28.23
N MET A 923 6.11 -28.02 28.64
CA MET A 923 6.90 -29.25 28.54
C MET A 923 7.17 -29.62 27.10
N ARG A 924 6.27 -29.25 26.19
CA ARG A 924 6.46 -29.51 24.76
C ARG A 924 7.23 -28.37 24.09
N MET A 925 6.71 -27.14 24.21
CA MET A 925 7.43 -25.96 23.74
C MET A 925 8.12 -25.31 24.93
N PRO A 926 9.42 -25.48 25.09
CA PRO A 926 10.09 -25.01 26.32
C PRO A 926 10.13 -23.49 26.39
N PRO A 927 10.32 -22.92 27.59
CA PRO A 927 10.38 -21.46 27.70
C PRO A 927 11.64 -20.86 27.11
N TRP A 928 12.71 -21.63 26.94
CA TRP A 928 13.95 -21.11 26.36
C TRP A 928 13.92 -21.07 24.83
N VAL A 929 12.74 -21.22 24.22
CA VAL A 929 12.62 -21.03 22.78
C VAL A 929 12.90 -19.57 22.42
N ASN A 930 12.39 -18.63 23.22
CA ASN A 930 12.64 -17.21 23.02
C ASN A 930 13.74 -16.79 24.00
N ILE A 931 14.93 -16.50 23.47
CA ILE A 931 16.03 -16.07 24.31
C ILE A 931 15.77 -14.66 24.85
N TRP A 932 15.14 -13.80 24.04
CA TRP A 932 14.88 -12.44 24.48
C TRP A 932 13.88 -12.39 25.62
N LEU A 933 12.97 -13.38 25.69
CA LEU A 933 11.99 -13.39 26.77
C LEU A 933 12.64 -13.66 28.12
N LEU A 934 13.60 -14.60 28.16
CA LEU A 934 14.30 -14.88 29.40
C LEU A 934 15.18 -13.70 29.82
N GLY A 935 15.79 -13.03 28.86
CA GLY A 935 16.61 -11.87 29.18
C GLY A 935 15.79 -10.69 29.69
N SER A 936 14.59 -10.51 29.13
CA SER A 936 13.72 -9.44 29.60
C SER A 936 13.19 -9.71 31.00
N ILE A 937 12.98 -10.99 31.34
CA ILE A 937 12.53 -11.33 32.69
C ILE A 937 13.62 -10.99 33.72
N CYS A 938 14.89 -11.23 33.36
CA CYS A 938 15.98 -10.92 34.26
C CYS A 938 16.05 -9.42 34.55
N LEU A 939 15.95 -8.60 33.50
CA LEU A 939 15.99 -7.15 33.68
C LEU A 939 14.80 -6.67 34.49
N SER A 940 13.60 -7.16 34.17
CA SER A 940 12.40 -6.73 34.89
C SER A 940 12.51 -7.05 36.38
N MET A 941 13.00 -8.23 36.72
CA MET A 941 13.19 -8.57 38.13
C MET A 941 14.27 -7.72 38.78
N SER A 942 15.34 -7.42 38.04
CA SER A 942 16.38 -6.54 38.57
C SER A 942 15.85 -5.13 38.78
N LEU A 943 14.96 -4.68 37.89
CA LEU A 943 14.30 -3.39 38.10
C LEU A 943 13.40 -3.42 39.34
N HIS A 944 12.81 -4.58 39.64
CA HIS A 944 12.02 -4.71 40.86
C HIS A 944 12.89 -4.53 42.10
N PHE A 945 14.12 -5.06 42.06
CA PHE A 945 15.04 -4.86 43.18
C PHE A 945 15.55 -3.43 43.23
N LEU A 946 15.68 -2.77 42.06
CA LEU A 946 16.12 -1.38 42.04
C LEU A 946 15.15 -0.48 42.80
N ILE A 947 13.84 -0.66 42.56
CA ILE A 947 12.86 0.14 43.28
C ILE A 947 12.71 -0.34 44.72
N LEU A 948 13.10 -1.58 45.02
CA LEU A 948 12.99 -2.08 46.38
C LEU A 948 14.15 -1.66 47.27
N TYR A 949 15.33 -1.44 46.70
CA TYR A 949 16.53 -1.24 47.51
C TYR A 949 17.18 0.12 47.33
N VAL A 950 17.22 0.67 46.12
CA VAL A 950 17.84 1.98 45.92
C VAL A 950 17.02 3.03 46.65
N ASP A 951 17.66 3.74 47.59
CA ASP A 951 16.94 4.47 48.63
C ASP A 951 15.88 5.47 48.15
N PRO A 952 16.06 6.23 47.07
CA PRO A 952 15.00 7.19 46.69
C PRO A 952 13.69 6.52 46.29
N LEU A 953 13.75 5.37 45.63
CA LEU A 953 12.60 4.76 44.99
C LEU A 953 11.54 4.18 45.94
N PRO A 954 11.91 3.46 47.01
CA PRO A 954 10.87 2.78 47.79
C PRO A 954 9.94 3.72 48.52
N MET A 955 10.39 4.93 48.90
CA MET A 955 9.47 5.90 49.45
C MET A 955 8.53 6.44 48.38
N ILE A 956 9.00 6.49 47.13
CA ILE A 956 8.15 6.93 46.02
C ILE A 956 7.07 5.89 45.73
N PHE A 957 7.46 4.61 45.74
CA PHE A 957 6.53 3.52 45.47
C PHE A 957 5.93 2.93 46.74
N LYS A 958 6.27 3.47 47.91
CA LYS A 958 5.74 3.00 49.20
C LYS A 958 6.04 1.51 49.41
N LEU A 959 7.33 1.18 49.35
CA LEU A 959 7.76 -0.21 49.39
C LEU A 959 8.92 -0.37 50.37
N LYS A 960 9.17 -1.62 50.77
CA LYS A 960 10.28 -1.96 51.66
C LYS A 960 10.79 -3.35 51.27
N ALA A 961 12.10 -3.56 51.45
CA ALA A 961 12.72 -4.81 51.04
C ALA A 961 12.08 -6.00 51.76
N LEU A 962 12.19 -7.16 51.13
CA LEU A 962 11.63 -8.40 51.66
C LEU A 962 12.74 -9.31 52.16
N ASP A 963 12.46 -10.05 53.24
CA ASP A 963 13.42 -10.99 53.78
C ASP A 963 13.45 -12.25 52.93
N LEU A 964 14.55 -13.01 53.04
CA LEU A 964 14.69 -14.23 52.25
C LEU A 964 13.58 -15.22 52.55
N THR A 965 13.02 -15.19 53.76
CA THR A 965 11.88 -16.03 54.07
C THR A 965 10.60 -15.51 53.43
N GLN A 966 10.48 -14.18 53.31
CA GLN A 966 9.28 -13.60 52.72
C GLN A 966 9.20 -13.85 51.22
N TRP A 967 10.35 -13.92 50.55
CA TRP A 967 10.35 -14.19 49.11
C TRP A 967 9.87 -15.61 48.81
N LEU A 968 10.18 -16.57 49.69
CA LEU A 968 9.71 -17.93 49.49
C LEU A 968 8.19 -18.01 49.56
N MET A 969 7.56 -17.16 50.36
CA MET A 969 6.11 -17.10 50.38
C MET A 969 5.56 -16.54 49.07
N VAL A 970 6.28 -15.59 48.47
CA VAL A 970 5.87 -15.06 47.18
C VAL A 970 5.94 -16.15 46.11
N LEU A 971 6.95 -17.02 46.19
CA LEU A 971 7.14 -18.03 45.16
C LEU A 971 6.07 -19.12 45.25
N LYS A 972 5.75 -19.59 46.47
CA LYS A 972 4.75 -20.64 46.60
C LYS A 972 3.34 -20.15 46.30
N ILE A 973 3.14 -18.85 46.11
CA ILE A 973 1.84 -18.30 45.75
C ILE A 973 1.82 -18.01 44.25
N SER A 974 2.96 -17.59 43.72
CA SER A 974 3.02 -17.15 42.32
C SER A 974 3.32 -18.28 41.35
N LEU A 975 4.17 -19.24 41.75
CA LEU A 975 4.54 -20.32 40.84
C LEU A 975 3.37 -21.21 40.40
N PRO A 976 2.34 -21.50 41.24
CA PRO A 976 1.22 -22.33 40.75
C PRO A 976 0.46 -21.73 39.58
N VAL A 977 0.80 -20.50 39.17
CA VAL A 977 0.19 -19.93 37.96
C VAL A 977 0.54 -20.78 36.74
N ILE A 978 1.80 -21.20 36.64
CA ILE A 978 2.21 -22.07 35.54
C ILE A 978 1.45 -23.39 35.61
N GLY A 979 1.26 -23.93 36.80
CA GLY A 979 0.49 -25.15 36.94
C GLY A 979 -0.97 -24.97 36.56
N LEU A 980 -1.57 -23.85 36.98
CA LEU A 980 -2.95 -23.57 36.61
C LEU A 980 -3.10 -23.38 35.11
N ASP A 981 -2.20 -22.62 34.50
CA ASP A 981 -2.30 -22.37 33.06
C ASP A 981 -1.98 -23.61 32.25
N GLU A 982 -1.09 -24.47 32.74
CA GLU A 982 -0.82 -25.72 32.05
C GLU A 982 -2.02 -26.66 32.09
N ILE A 983 -2.77 -26.66 33.20
CA ILE A 983 -3.99 -27.45 33.27
C ILE A 983 -5.00 -26.96 32.24
N LEU A 984 -5.14 -25.63 32.11
CA LEU A 984 -6.07 -25.09 31.13
C LEU A 984 -5.61 -25.34 29.71
N LYS A 985 -4.30 -25.33 29.46
CA LYS A 985 -3.80 -25.70 28.14
C LYS A 985 -4.00 -27.18 27.86
N PHE A 986 -3.84 -28.02 28.89
CA PHE A 986 -4.05 -29.46 28.71
C PHE A 986 -5.50 -29.77 28.36
N ILE A 987 -6.44 -28.94 28.82
CA ILE A 987 -7.84 -29.16 28.51
C ILE A 987 -8.14 -28.85 27.04
N ALA A 988 -7.58 -27.76 26.53
CA ALA A 988 -7.88 -27.36 25.15
C ALA A 988 -7.27 -28.34 24.14
N ARG A 989 -6.10 -28.88 24.45
CA ARG A 989 -5.42 -29.77 23.51
C ARG A 989 -6.17 -31.09 23.36
N ASN A 990 -6.33 -31.83 24.45
CA ASN A 990 -6.89 -33.16 24.41
C ASN A 990 -8.42 -33.16 24.51
N TYR A 991 -9.05 -32.02 24.71
CA TYR A 991 -10.50 -31.94 24.78
C TYR A 991 -11.02 -30.70 24.08
C ACE B . -16.71 24.18 -19.80
O ACE B . -17.79 23.65 -19.55
CH3 ACE B . -16.15 25.28 -18.96
O1 VSR C . -9.56 -11.50 28.66
C1 VSR C . -11.48 -9.46 28.04
C2 VSR C . -10.63 -11.51 29.21
C3 VSR C . -11.09 -12.54 30.17
C4 VSR C . -11.39 -10.08 26.64
C5 VSR C . -11.70 -9.27 25.39
C6 VSR C . -9.72 -8.43 24.34
O6 VSR C . -12.30 -7.02 23.52
O5 VSR C . -14.18 -6.46 25.78
O4 VSR C . -14.12 -9.29 25.61
O3 VSR C . -9.78 -9.30 23.50
O2 VSR C . -10.60 -8.31 25.34
N VSR C . -5.25 0.62 25.06
C VSR C . -10.27 -8.59 28.33
O VSR C . -11.59 -10.56 29.02
C10 VSR C . -7.52 -4.61 21.86
C11 VSR C . -6.20 -3.87 21.61
C12 VSR C . -5.90 -2.70 22.51
C13 VSR C . -4.71 -2.01 22.42
C14 VSR C . -4.44 -0.92 23.24
C15 VSR C . -5.38 -0.50 24.17
C16 VSR C . -6.56 -1.20 24.28
C17 VSR C . -6.83 -2.28 23.46
C18 VSR C . -4.25 2.51 25.68
C19 VSR C . -5.47 2.82 26.30
C20 VSR C . -5.61 4.01 26.98
C21 VSR C . -4.56 4.90 27.05
C22 VSR C . -3.36 4.60 26.45
C23 VSR C . -3.20 3.40 25.77
C24 VSR C . -13.00 -8.45 25.35
C25 VSR C . -12.97 -7.16 26.20
C26 VSR C . -14.45 -6.80 24.51
C27 VSR C . -13.40 -7.77 24.00
C28 VSR C . -13.95 -8.64 22.88
C29 VSR C . -12.92 -7.32 27.70
C30 VSR C . -12.98 -6.33 28.60
C31 VSR C . -13.08 -4.85 28.34
C32 VSR C . -12.94 -6.87 30.00
C33 VSR C . -12.17 -5.96 32.03
C34 VSR C . -10.97 -5.84 32.91
C35 VSR C . -11.22 -6.27 34.33
C36 VSR C . -9.76 -5.39 32.50
C37 VSR C . -9.25 -4.91 31.19
C38 VSR C . -12.90 -8.39 29.86
C39 VSR C . -13.65 -9.75 31.65
C40 VSR C . -14.81 -10.02 32.55
C41 VSR C . -14.35 -10.76 33.80
C42 VSR C . -15.32 -10.69 34.96
C43 VSR C . -14.83 -11.42 36.19
C44 VSR C . -15.72 -11.29 37.41
C45 VSR C . -15.18 -12.03 38.61
C46 VSR C . -16.02 -11.85 39.85
C47 VSR C . -12.79 -8.69 28.35
C7 VSR C . -8.68 -7.36 24.38
C8 VSR C . -8.74 -6.40 23.20
C9 VSR C . -7.51 -5.54 23.07
N1 VSR C . -4.18 1.26 24.98
O10 VSR C . -14.00 -8.96 30.62
O11 VSR C . -12.53 -10.15 31.83
O7 VSR C . -15.40 -6.38 23.92
O8 VSR C . -11.84 -6.43 30.82
O9 VSR C . -13.30 -5.68 32.35
NA NA D . -5.65 2.84 0.85
#